data_6UI1
#
_entry.id   6UI1
#
_cell.length_a   141.04
_cell.length_b   89.36
_cell.length_c   143.69
_cell.angle_alpha   90.0
_cell.angle_beta   118.93
_cell.angle_gamma   90.0
#
_symmetry.space_group_name_H-M   'C 1 2 1'
#
loop_
_entity.id
_entity.type
_entity.pdbx_description
1 polymer BoNT/A
2 polymer ciA-H7
3 polymer ciA-D12
4 polymer ciA-B5
5 water water
#
loop_
_entity_poly.entity_id
_entity_poly.type
_entity_poly.pdbx_seq_one_letter_code
_entity_poly.pdbx_strand_id
1 'polypeptide(L)'
;GPMPFVNKQFNYKDPVNGVDIAYIKIPNAGQMQPVKAFKIHNKIWVIPERDTFTNPEEGDLNPPPEAKQVPVSYYDSTYL
STDNEKDNYLKGVTKLFERIYSTDLGRMLLTSIVRGIPFWGGSTIDTELKVIDTNCINVIQPDGSYRSEELNLVIIGPSA
DIIQFECKSFGHEVLNLTRNGYGSTQYIRFSPDFTFGFEESLEVDTNPLLGAGKFATDPAVTLAHQLIHAGHRLYGIAIN
PNRVFKVNTNAYYEMSGLEVSFEELRTFGGHDAKFIDSLQENEFRLYYYNKFKDIASTLNKAKSIVGTTASLQYMKNVFK
EKYLLSEDTSGKFSVDKLKFDKLYKMLTEIYTEDNFVKFFKVLNAKTFLNFDKAVFKINIVPKVNYTIYDGFNLRNTNLA
ANFNGQNTEINNMNFTKLKNFTGLFEFYKLLCVRGIITSKTKSLDKGYNKALNDLCIKVNNWDLFFSPSEDNFTNDLNKG
EEITSDTNIEAAEENISLDLIQQYYLTFNFDNEPENISIENLSSDIIGQLELMPNIERFPNGKKYELDKYTMFHYLRAQE
FEHGKSRIALTNSVNEALLNPSRVYTFFSSDYVKKVNKATEAAMFLGWVEQLVYDFTDETSEVSTTDKIADITIIIPYIG
PALNIGNMLYKDDFVGALIFSGAVILLEFIPEIAIPVLGTFALVSYIANKVLTVQTIDNALSKRNEKWDEVYKYIVTNWL
AKVNTQIDLIRKKMKEALENQAEATKAIINYQYNQYTEEEKNNINFNIDDLSSKLNESINKAMININKFLNQCSVSYLMN
SMIPYGVKRLEDFDASLKDALLKYIYDNRGTLIGQVDRLKDKVNNTLSTDIPFQLSKYVDNQRLLSTFTEYIK
;
A
2 'polypeptide(L)'
;GSQVQLVESGGGLVQVGGSLRLSCVVSGSDISGIAMGWYRQAPGKRREMVADIFSGGSTDYAGSVKGRFTISRDNAKKTS
YLQMNNVKPEDTGVYYCRLYGSGDYWGQGTQVTVSSAHHSEDP
;
B
3 'polypeptide(L)'
;GSQVQLVESGGGLVQPGGSLRLSCVVSGSDFNTYIMGWYRQVPGKPRELVADITTEGKTNYGGSVKGRFTISRDNAKNTV
YLQMFGLKPEDAGNYVCNADWKMGAWTAGDYGIDYWGKGTLVTVSSGPKTPKPQ
;
C
4 'polypeptide(L)'
;GPLGSQVQLVESGGGLVHPGGSLRLSCAPSASLPSTPFNPFNNMVGWYRQAPGKQREMVASIGLRINYADSVKGRFTISR
DNAKNTVDLQMDSLRPEDSATYYCHIEYTHYWGKGTLVTVSSEPKTPKPQ
;
D
#
# COMPACT_ATOMS: atom_id res chain seq x y z
N MET A 3 -5.80 -18.24 21.94
CA MET A 3 -5.92 -16.88 21.39
C MET A 3 -5.04 -16.60 20.17
N PRO A 4 -3.83 -17.20 20.06
CA PRO A 4 -3.11 -16.96 18.80
C PRO A 4 -3.85 -17.57 17.61
N PHE A 5 -3.68 -17.01 16.41
CA PHE A 5 -4.35 -17.50 15.22
C PHE A 5 -3.82 -18.88 14.86
N VAL A 6 -2.51 -19.02 14.86
CA VAL A 6 -1.90 -20.31 14.60
C VAL A 6 -1.55 -20.90 15.96
N ASN A 7 -2.34 -21.87 16.40
CA ASN A 7 -2.20 -22.37 17.75
C ASN A 7 -1.35 -23.62 17.83
N LYS A 8 -0.41 -23.74 16.92
CA LYS A 8 0.40 -24.94 16.85
C LYS A 8 1.67 -24.64 16.08
N GLN A 9 2.78 -25.21 16.53
CA GLN A 9 4.03 -25.11 15.79
C GLN A 9 4.03 -26.09 14.62
N PHE A 10 4.23 -25.60 13.40
CA PHE A 10 4.30 -26.50 12.24
C PHE A 10 5.72 -26.54 11.65
N ASN A 11 6.24 -27.74 11.48
CA ASN A 11 7.50 -27.93 10.76
C ASN A 11 7.22 -28.75 9.52
N TYR A 12 7.85 -28.41 8.40
CA TYR A 12 7.51 -29.10 7.15
C TYR A 12 7.70 -30.62 7.22
N LYS A 13 8.70 -31.07 7.97
CA LYS A 13 9.02 -32.50 8.05
C LYS A 13 8.20 -33.22 9.12
N ASP A 14 7.31 -32.50 9.80
CA ASP A 14 6.41 -33.11 10.77
C ASP A 14 5.63 -34.24 10.11
N PRO A 15 5.33 -35.32 10.86
CA PRO A 15 4.57 -36.42 10.27
C PRO A 15 3.10 -36.04 10.01
N VAL A 16 2.50 -36.70 9.02
CA VAL A 16 1.12 -36.44 8.66
C VAL A 16 0.19 -37.06 9.68
N ASN A 17 -1.01 -36.50 9.82
CA ASN A 17 -2.00 -37.02 10.77
C ASN A 17 -3.39 -37.03 10.15
N GLY A 18 -3.51 -36.49 8.95
CA GLY A 18 -4.75 -36.56 8.21
C GLY A 18 -5.78 -35.58 8.71
N VAL A 19 -5.38 -34.75 9.67
CA VAL A 19 -6.25 -33.76 10.29
C VAL A 19 -5.75 -32.34 10.02
N ASP A 20 -4.57 -31.97 10.54
CA ASP A 20 -4.02 -30.66 10.22
C ASP A 20 -2.63 -30.73 9.56
N ILE A 21 -2.09 -31.93 9.42
CA ILE A 21 -0.91 -32.12 8.57
C ILE A 21 -1.19 -33.30 7.64
N ALA A 22 -1.18 -33.06 6.33
CA ALA A 22 -1.63 -34.09 5.39
C ALA A 22 -1.28 -33.79 3.95
N TYR A 23 -1.17 -34.84 3.16
CA TYR A 23 -1.14 -34.68 1.70
C TYR A 23 -2.57 -34.46 1.29
N ILE A 24 -2.78 -33.51 0.37
CA ILE A 24 -4.13 -33.19 -0.09
C ILE A 24 -4.20 -33.10 -1.61
N LYS A 25 -5.43 -33.23 -2.13
CA LYS A 25 -5.68 -32.95 -3.52
C LYS A 25 -6.72 -31.84 -3.60
N ILE A 26 -6.47 -30.90 -4.50
CA ILE A 26 -7.36 -29.78 -4.66
C ILE A 26 -8.04 -29.93 -6.02
N PRO A 27 -9.04 -29.09 -6.32
CA PRO A 27 -9.61 -29.14 -7.66
C PRO A 27 -8.55 -28.90 -8.72
N ASN A 28 -8.67 -29.63 -9.82
CA ASN A 28 -7.63 -29.68 -10.80
C ASN A 28 -8.29 -29.99 -12.13
N ALA A 29 -7.72 -29.48 -13.23
CA ALA A 29 -8.32 -29.70 -14.56
C ALA A 29 -8.02 -31.12 -15.06
N GLY A 30 -6.84 -31.63 -14.73
CA GLY A 30 -6.46 -32.96 -15.10
C GLY A 30 -6.44 -33.85 -13.87
N GLN A 31 -5.26 -34.34 -13.53
CA GLN A 31 -5.10 -35.29 -12.42
C GLN A 31 -3.85 -34.92 -11.64
N MET A 32 -4.03 -34.26 -10.50
CA MET A 32 -2.89 -33.77 -9.76
C MET A 32 -2.44 -34.76 -8.71
N GLN A 33 -1.14 -34.79 -8.50
CA GLN A 33 -0.55 -35.54 -7.44
C GLN A 33 -0.81 -34.83 -6.10
N PRO A 34 -1.08 -35.61 -5.05
CA PRO A 34 -1.21 -35.09 -3.67
C PRO A 34 -0.02 -34.25 -3.29
N VAL A 35 -0.23 -33.13 -2.59
CA VAL A 35 0.86 -32.28 -2.12
C VAL A 35 0.74 -32.07 -0.59
N LYS A 36 1.85 -32.06 0.13
CA LYS A 36 1.80 -31.90 1.58
C LYS A 36 1.35 -30.49 2.00
N ALA A 37 0.34 -30.43 2.85
CA ALA A 37 -0.24 -29.16 3.25
C ALA A 37 -0.50 -29.11 4.75
N PHE A 38 -0.70 -27.90 5.25
CA PHE A 38 -0.85 -27.68 6.68
C PHE A 38 -2.06 -26.82 6.97
N LYS A 39 -2.94 -27.32 7.84
CA LYS A 39 -4.17 -26.61 8.20
C LYS A 39 -3.85 -25.71 9.39
N ILE A 40 -3.52 -24.46 9.12
CA ILE A 40 -2.93 -23.62 10.15
C ILE A 40 -3.96 -22.97 11.03
N HIS A 41 -5.22 -23.06 10.58
CA HIS A 41 -6.38 -22.57 11.30
C HIS A 41 -7.59 -23.19 10.63
N ASN A 42 -8.66 -23.35 11.38
CA ASN A 42 -9.93 -23.77 10.82
C ASN A 42 -10.20 -23.07 9.46
N LYS A 43 -10.46 -23.86 8.42
CA LYS A 43 -10.82 -23.40 7.07
C LYS A 43 -9.63 -22.86 6.24
N ILE A 44 -8.42 -22.94 6.76
CA ILE A 44 -7.31 -22.29 6.07
C ILE A 44 -6.10 -23.21 5.97
N TRP A 45 -5.69 -23.50 4.74
CA TRP A 45 -4.55 -24.38 4.52
C TRP A 45 -3.35 -23.69 3.87
N VAL A 46 -2.17 -24.21 4.12
CA VAL A 46 -0.98 -23.73 3.44
C VAL A 46 -0.31 -24.88 2.70
N ILE A 47 -0.07 -24.65 1.41
CA ILE A 47 0.64 -25.61 0.59
C ILE A 47 1.98 -25.03 0.18
N PRO A 48 3.09 -25.46 0.81
CA PRO A 48 4.36 -24.85 0.38
C PRO A 48 4.88 -25.47 -0.91
N GLU A 49 4.18 -25.28 -2.03
CA GLU A 49 4.66 -25.72 -3.33
C GLU A 49 4.49 -24.58 -4.32
N ARG A 50 5.35 -24.53 -5.34
CA ARG A 50 5.11 -23.67 -6.49
C ARG A 50 3.80 -24.06 -7.16
N ASP A 51 2.99 -23.09 -7.56
CA ASP A 51 1.71 -23.41 -8.16
C ASP A 51 1.85 -23.80 -9.63
N THR A 52 2.03 -25.09 -9.87
CA THR A 52 2.01 -25.65 -11.21
C THR A 52 0.72 -26.46 -11.40
N PHE A 53 -0.23 -26.28 -10.47
CA PHE A 53 -1.39 -27.17 -10.39
C PHE A 53 -2.72 -26.54 -10.76
N THR A 54 -2.95 -25.31 -10.31
CA THR A 54 -4.27 -24.73 -10.45
C THR A 54 -4.59 -24.43 -11.91
N ASN A 55 -3.54 -24.24 -12.70
CA ASN A 55 -3.68 -23.77 -14.08
C ASN A 55 -2.82 -24.61 -15.02
N PRO A 56 -3.46 -25.42 -15.88
CA PRO A 56 -2.84 -26.37 -16.81
C PRO A 56 -1.76 -25.75 -17.71
N GLU A 57 -1.99 -24.55 -18.22
CA GLU A 57 -0.99 -23.88 -19.05
C GLU A 57 0.28 -23.59 -18.24
N GLU A 58 0.10 -22.99 -17.08
CA GLU A 58 1.22 -22.63 -16.21
C GLU A 58 1.79 -23.83 -15.44
N GLY A 59 2.58 -24.65 -16.13
CA GLY A 59 3.23 -25.80 -15.51
C GLY A 59 4.74 -25.58 -15.47
N ASP A 60 5.23 -24.74 -16.36
CA ASP A 60 6.64 -24.43 -16.47
C ASP A 60 6.99 -23.23 -15.57
N LEU A 61 8.12 -23.32 -14.88
CA LEU A 61 8.53 -22.27 -13.96
C LEU A 61 9.58 -21.36 -14.59
N ASN A 62 9.71 -21.43 -15.91
CA ASN A 62 10.68 -20.63 -16.63
C ASN A 62 10.09 -19.32 -17.09
N PRO A 63 10.94 -18.33 -17.38
CA PRO A 63 10.44 -17.07 -17.93
C PRO A 63 9.60 -17.31 -19.19
N PRO A 64 8.54 -16.50 -19.39
CA PRO A 64 7.61 -16.68 -20.51
C PRO A 64 8.27 -16.32 -21.85
N PRO A 65 7.64 -16.70 -22.97
CA PRO A 65 8.18 -16.33 -24.28
C PRO A 65 8.17 -14.80 -24.46
N GLU A 66 6.99 -14.20 -24.39
CA GLU A 66 6.84 -12.74 -24.35
C GLU A 66 6.90 -12.25 -22.90
N ALA A 67 7.72 -11.23 -22.66
CA ALA A 67 7.86 -10.66 -21.33
C ALA A 67 6.54 -10.09 -20.83
N LYS A 68 6.17 -10.47 -19.61
CA LYS A 68 4.95 -9.99 -18.99
C LYS A 68 4.96 -8.46 -18.88
N GLN A 69 3.79 -7.84 -19.01
CA GLN A 69 3.68 -6.38 -19.03
C GLN A 69 3.53 -5.79 -17.63
N VAL A 70 4.54 -5.99 -16.79
CA VAL A 70 4.51 -5.50 -15.42
C VAL A 70 5.85 -4.84 -15.11
N PRO A 71 5.87 -3.87 -14.18
CA PRO A 71 7.12 -3.15 -13.97
C PRO A 71 8.20 -4.00 -13.32
N VAL A 72 7.80 -4.96 -12.48
CA VAL A 72 8.77 -5.78 -11.76
C VAL A 72 8.33 -7.24 -11.73
N SER A 73 9.18 -8.12 -12.24
CA SER A 73 8.89 -9.56 -12.25
C SER A 73 10.13 -10.35 -11.86
N TYR A 74 9.96 -11.57 -11.40
CA TYR A 74 11.12 -12.36 -10.96
C TYR A 74 10.90 -13.84 -11.15
N TYR A 75 11.89 -14.52 -11.74
CA TYR A 75 11.82 -15.95 -12.06
C TYR A 75 13.00 -16.74 -11.50
N ASP A 76 12.74 -17.94 -10.99
CA ASP A 76 13.77 -18.87 -10.54
C ASP A 76 13.08 -20.23 -10.34
N SER A 77 13.32 -21.15 -11.27
CA SER A 77 12.56 -22.39 -11.30
C SER A 77 12.94 -23.28 -10.13
N THR A 78 14.04 -22.93 -9.45
CA THR A 78 14.54 -23.72 -8.33
C THR A 78 14.01 -23.27 -6.96
N TYR A 79 13.44 -22.06 -6.89
CA TYR A 79 12.88 -21.58 -5.62
C TYR A 79 11.74 -22.49 -5.15
N LEU A 80 11.78 -22.86 -3.86
CA LEU A 80 10.74 -23.63 -3.17
C LEU A 80 10.69 -25.08 -3.67
N SER A 81 11.88 -25.66 -3.86
CA SER A 81 12.01 -27.05 -4.31
C SER A 81 12.61 -27.98 -3.25
N THR A 82 13.15 -27.39 -2.18
CA THR A 82 13.78 -28.13 -1.08
C THR A 82 12.92 -28.14 0.18
N ASP A 83 13.02 -29.20 0.99
CA ASP A 83 12.36 -29.24 2.28
C ASP A 83 12.69 -28.02 3.17
N ASN A 84 13.96 -27.62 3.20
CA ASN A 84 14.35 -26.49 4.02
C ASN A 84 13.66 -25.21 3.59
N GLU A 85 13.51 -25.02 2.28
CA GLU A 85 12.81 -23.85 1.77
C GLU A 85 11.34 -23.92 2.11
N LYS A 86 10.77 -25.10 1.98
CA LYS A 86 9.35 -25.28 2.27
C LYS A 86 9.05 -25.11 3.75
N ASP A 87 10.00 -25.52 4.60
CA ASP A 87 9.86 -25.27 6.02
C ASP A 87 9.90 -23.77 6.27
N ASN A 88 10.84 -23.07 5.62
CA ASN A 88 10.95 -21.64 5.83
C ASN A 88 9.74 -20.89 5.27
N TYR A 89 9.19 -21.37 4.17
CA TYR A 89 7.99 -20.77 3.59
C TYR A 89 6.82 -20.87 4.56
N LEU A 90 6.59 -22.07 5.07
CA LEU A 90 5.49 -22.38 5.98
C LEU A 90 5.57 -21.49 7.22
N LYS A 91 6.75 -21.40 7.80
CA LYS A 91 6.96 -20.59 8.99
C LYS A 91 6.78 -19.09 8.71
N GLY A 92 7.25 -18.63 7.56
CA GLY A 92 7.03 -17.24 7.18
C GLY A 92 5.56 -16.88 7.02
N VAL A 93 4.80 -17.73 6.33
CA VAL A 93 3.37 -17.51 6.13
C VAL A 93 2.62 -17.53 7.46
N THR A 94 2.98 -18.48 8.29
CA THR A 94 2.37 -18.64 9.61
C THR A 94 2.64 -17.40 10.50
N LYS A 95 3.89 -16.97 10.51
CA LYS A 95 4.28 -15.75 11.20
C LYS A 95 3.51 -14.52 10.66
N LEU A 96 3.30 -14.44 9.35
CA LEU A 96 2.57 -13.30 8.78
C LEU A 96 1.08 -13.32 9.17
N PHE A 97 0.49 -14.50 9.26
CA PHE A 97 -0.88 -14.59 9.75
C PHE A 97 -1.00 -14.10 11.20
N GLU A 98 -0.06 -14.50 12.07
CA GLU A 98 -0.09 -14.01 13.45
C GLU A 98 0.10 -12.51 13.52
N ARG A 99 0.96 -11.95 12.66
CA ARG A 99 1.15 -10.50 12.63
C ARG A 99 -0.11 -9.80 12.17
N ILE A 100 -0.76 -10.33 11.16
CA ILE A 100 -2.01 -9.75 10.74
C ILE A 100 -3.06 -9.88 11.85
N TYR A 101 -3.11 -11.06 12.46
CA TYR A 101 -4.08 -11.33 13.49
C TYR A 101 -3.85 -10.47 14.73
N SER A 102 -2.62 -9.98 14.88
CA SER A 102 -2.24 -9.29 16.12
C SER A 102 -2.75 -7.86 16.10
N THR A 103 -3.27 -7.43 14.94
CA THR A 103 -3.94 -6.13 14.84
C THR A 103 -5.45 -6.32 14.94
N ASP A 104 -6.15 -5.31 15.41
CA ASP A 104 -7.60 -5.38 15.52
C ASP A 104 -8.22 -5.64 14.15
N LEU A 105 -7.81 -4.85 13.17
CA LEU A 105 -8.30 -4.97 11.80
C LEU A 105 -8.10 -6.37 11.19
N GLY A 106 -6.92 -6.96 11.40
CA GLY A 106 -6.63 -8.29 10.92
C GLY A 106 -7.43 -9.35 11.67
N ARG A 107 -7.66 -9.12 12.95
CA ARG A 107 -8.48 -10.05 13.71
C ARG A 107 -9.86 -10.12 13.10
N MET A 108 -10.41 -8.95 12.79
CA MET A 108 -11.69 -8.87 12.09
C MET A 108 -11.66 -9.54 10.72
N LEU A 109 -10.74 -9.12 9.85
CA LEU A 109 -10.66 -9.65 8.50
C LEU A 109 -10.52 -11.18 8.52
N LEU A 110 -9.59 -11.68 9.33
CA LEU A 110 -9.36 -13.11 9.37
C LEU A 110 -10.60 -13.83 9.88
N THR A 111 -11.33 -13.21 10.80
CA THR A 111 -12.54 -13.84 11.32
C THR A 111 -13.64 -13.82 10.25
N SER A 112 -13.76 -12.74 9.49
CA SER A 112 -14.73 -12.71 8.40
C SER A 112 -14.40 -13.81 7.38
N ILE A 113 -13.11 -13.98 7.10
CA ILE A 113 -12.73 -15.00 6.15
C ILE A 113 -13.14 -16.39 6.62
N VAL A 114 -12.87 -16.70 7.88
CA VAL A 114 -13.24 -18.00 8.42
C VAL A 114 -14.76 -18.16 8.40
N ARG A 115 -15.47 -17.07 8.65
CA ARG A 115 -16.94 -17.15 8.65
C ARG A 115 -17.51 -17.26 7.23
N GLY A 116 -16.77 -16.76 6.25
CA GLY A 116 -17.29 -16.68 4.90
C GLY A 116 -17.12 -17.98 4.14
N ILE A 117 -17.86 -19.00 4.56
CA ILE A 117 -17.88 -20.26 3.85
C ILE A 117 -18.61 -20.07 2.53
N PRO A 118 -18.10 -20.69 1.48
CA PRO A 118 -18.76 -20.64 0.16
C PRO A 118 -20.18 -21.23 0.24
N PHE A 119 -21.15 -20.55 -0.37
CA PHE A 119 -22.56 -20.97 -0.28
C PHE A 119 -22.82 -22.35 -0.83
N TRP A 120 -23.80 -23.03 -0.23
CA TRP A 120 -24.18 -24.38 -0.65
C TRP A 120 -25.21 -24.33 -1.78
N GLY A 121 -24.79 -23.84 -2.94
CA GLY A 121 -25.70 -23.67 -4.06
C GLY A 121 -25.35 -24.63 -5.19
N GLY A 122 -24.93 -25.83 -4.81
CA GLY A 122 -24.50 -26.84 -5.76
C GLY A 122 -25.64 -27.57 -6.47
N SER A 123 -26.84 -27.48 -5.90
CA SER A 123 -27.98 -28.19 -6.47
C SER A 123 -28.65 -27.32 -7.51
N THR A 124 -29.35 -27.98 -8.42
CA THR A 124 -30.12 -27.27 -9.41
C THR A 124 -31.60 -27.24 -9.01
N ILE A 125 -31.98 -28.09 -8.04
CA ILE A 125 -33.34 -28.11 -7.49
C ILE A 125 -33.55 -26.92 -6.55
N ASP A 126 -34.62 -26.14 -6.66
CA ASP A 126 -34.60 -24.93 -5.81
C ASP A 126 -35.13 -25.15 -4.41
N THR A 127 -35.10 -26.39 -3.93
CA THR A 127 -35.44 -26.69 -2.53
C THR A 127 -34.31 -27.40 -1.81
N GLU A 128 -33.18 -27.55 -2.49
CA GLU A 128 -32.09 -28.35 -1.97
C GLU A 128 -30.80 -27.56 -1.77
N LEU A 129 -30.17 -27.72 -0.61
CA LEU A 129 -28.85 -27.19 -0.36
C LEU A 129 -27.85 -28.29 -0.67
N LYS A 130 -26.76 -27.93 -1.31
CA LYS A 130 -25.75 -28.90 -1.72
C LYS A 130 -24.43 -28.19 -1.89
N VAL A 131 -23.35 -28.83 -1.47
CA VAL A 131 -22.03 -28.26 -1.57
C VAL A 131 -21.65 -28.14 -3.04
N ILE A 132 -20.78 -27.20 -3.33
CA ILE A 132 -20.13 -27.18 -4.63
C ILE A 132 -18.75 -27.82 -4.48
N ASP A 133 -18.50 -28.84 -5.28
CA ASP A 133 -17.30 -29.67 -5.26
C ASP A 133 -15.98 -28.91 -5.19
N THR A 134 -15.90 -27.83 -5.94
CA THR A 134 -14.63 -27.17 -6.14
C THR A 134 -14.31 -26.25 -4.97
N ASN A 135 -15.21 -26.24 -3.98
CA ASN A 135 -14.98 -25.50 -2.74
C ASN A 135 -14.47 -26.46 -1.67
N CYS A 136 -13.95 -27.60 -2.12
CA CYS A 136 -13.51 -28.64 -1.20
C CYS A 136 -12.13 -29.12 -1.58
N ILE A 137 -11.55 -29.94 -0.71
CA ILE A 137 -10.33 -30.67 -0.99
C ILE A 137 -10.48 -32.11 -0.54
N ASN A 138 -9.59 -32.97 -1.01
CA ASN A 138 -9.48 -34.31 -0.45
C ASN A 138 -8.27 -34.39 0.46
N VAL A 139 -8.49 -34.82 1.70
CA VAL A 139 -7.40 -34.96 2.67
C VAL A 139 -7.03 -36.43 2.83
N ILE A 140 -5.84 -36.79 2.39
CA ILE A 140 -5.37 -38.16 2.53
C ILE A 140 -5.00 -38.48 3.98
N GLN A 141 -5.46 -39.65 4.44
CA GLN A 141 -5.18 -40.13 5.79
C GLN A 141 -3.85 -40.89 5.84
N PRO A 142 -3.29 -41.09 7.05
CA PRO A 142 -2.00 -41.78 7.11
C PRO A 142 -2.03 -43.19 6.54
N ASP A 143 -3.18 -43.86 6.56
CA ASP A 143 -3.29 -45.22 6.04
C ASP A 143 -3.42 -45.27 4.49
N GLY A 144 -3.64 -44.12 3.87
CA GLY A 144 -3.78 -44.08 2.42
C GLY A 144 -5.19 -43.80 1.92
N SER A 145 -6.18 -43.95 2.80
CA SER A 145 -7.55 -43.55 2.47
C SER A 145 -7.61 -42.02 2.37
N TYR A 146 -8.77 -41.50 1.97
CA TYR A 146 -8.95 -40.05 2.03
C TYR A 146 -10.32 -39.68 2.55
N ARG A 147 -10.43 -38.45 3.03
CA ARG A 147 -11.69 -37.84 3.45
C ARG A 147 -11.80 -36.49 2.74
N SER A 148 -13.02 -36.09 2.40
CA SER A 148 -13.22 -34.80 1.77
C SER A 148 -13.63 -33.78 2.81
N GLU A 149 -13.18 -32.54 2.60
CA GLU A 149 -13.45 -31.44 3.52
C GLU A 149 -13.69 -30.14 2.78
N GLU A 150 -14.62 -29.35 3.31
CA GLU A 150 -14.77 -27.96 2.93
C GLU A 150 -13.61 -27.09 3.41
N LEU A 151 -13.45 -25.96 2.73
CA LEU A 151 -12.26 -25.13 2.80
C LEU A 151 -12.56 -23.70 2.37
N ASN A 152 -12.05 -22.69 3.08
CA ASN A 152 -12.26 -21.31 2.63
C ASN A 152 -11.05 -20.71 1.91
N LEU A 153 -9.86 -21.08 2.36
CA LEU A 153 -8.68 -20.40 1.90
C LEU A 153 -7.45 -21.29 1.88
N VAL A 154 -6.68 -21.16 0.82
CA VAL A 154 -5.41 -21.84 0.67
C VAL A 154 -4.33 -20.86 0.26
N ILE A 155 -3.21 -20.88 0.97
CA ILE A 155 -2.02 -20.14 0.56
C ILE A 155 -1.12 -21.12 -0.16
N ILE A 156 -0.71 -20.77 -1.37
CA ILE A 156 0.20 -21.64 -2.11
C ILE A 156 1.36 -20.84 -2.65
N GLY A 157 2.45 -21.51 -2.98
CA GLY A 157 3.59 -20.85 -3.59
C GLY A 157 3.27 -20.28 -4.96
N PRO A 158 4.06 -19.28 -5.39
CA PRO A 158 3.76 -18.62 -6.67
C PRO A 158 4.00 -19.51 -7.85
N SER A 159 3.50 -19.07 -9.00
CA SER A 159 3.73 -19.74 -10.26
C SER A 159 5.10 -19.31 -10.81
N ALA A 160 5.22 -19.28 -12.13
CA ALA A 160 6.47 -18.95 -12.81
C ALA A 160 7.07 -17.63 -12.29
N ASP A 161 6.25 -16.59 -12.31
CA ASP A 161 6.66 -15.27 -11.83
C ASP A 161 6.49 -15.25 -10.31
N ILE A 162 7.61 -15.31 -9.61
CA ILE A 162 7.65 -15.53 -8.17
C ILE A 162 6.96 -14.42 -7.37
N ILE A 163 6.97 -13.21 -7.90
CA ILE A 163 6.36 -12.09 -7.18
C ILE A 163 5.03 -11.64 -7.77
N GLN A 164 4.41 -12.49 -8.58
CA GLN A 164 3.04 -12.25 -9.01
C GLN A 164 2.13 -12.83 -7.94
N PHE A 165 1.57 -11.96 -7.11
CA PHE A 165 0.73 -12.44 -6.03
C PHE A 165 -0.71 -12.18 -6.43
N GLU A 166 -1.55 -13.16 -6.27
CA GLU A 166 -2.91 -13.08 -6.70
C GLU A 166 -3.81 -14.11 -6.07
N CYS A 167 -5.09 -13.85 -6.17
CA CYS A 167 -6.11 -14.62 -5.57
C CYS A 167 -6.83 -15.38 -6.65
N LYS A 168 -6.76 -16.70 -6.65
CA LYS A 168 -7.38 -17.53 -7.66
C LYS A 168 -8.51 -18.38 -7.11
N SER A 169 -9.33 -18.92 -7.99
CA SER A 169 -10.59 -19.50 -7.56
C SER A 169 -11.20 -20.39 -8.66
N PHE A 170 -11.77 -21.53 -8.28
CA PHE A 170 -12.32 -22.41 -9.30
C PHE A 170 -13.75 -22.01 -9.66
N GLY A 171 -14.01 -21.92 -10.96
CA GLY A 171 -15.29 -21.43 -11.44
C GLY A 171 -16.36 -22.51 -11.57
N HIS A 172 -17.50 -22.12 -12.13
CA HIS A 172 -18.68 -22.96 -12.23
C HIS A 172 -19.28 -22.75 -13.60
N GLU A 173 -19.82 -23.80 -14.21
CA GLU A 173 -20.35 -23.71 -15.57
C GLU A 173 -21.51 -22.71 -15.68
N VAL A 174 -22.27 -22.51 -14.60
CA VAL A 174 -23.41 -21.60 -14.58
C VAL A 174 -23.24 -20.38 -13.64
N LEU A 175 -22.65 -20.61 -12.47
CA LEU A 175 -22.56 -19.59 -11.43
C LEU A 175 -21.25 -18.81 -11.49
N ASN A 176 -21.33 -17.49 -11.34
CA ASN A 176 -20.11 -16.70 -11.20
C ASN A 176 -19.92 -16.42 -9.71
N LEU A 177 -19.31 -17.39 -9.05
CA LEU A 177 -19.31 -17.48 -7.58
C LEU A 177 -18.66 -16.29 -6.89
N THR A 178 -17.62 -15.70 -7.48
CA THR A 178 -16.91 -14.63 -6.80
C THR A 178 -17.67 -13.32 -6.87
N ARG A 179 -18.72 -13.27 -7.67
CA ARG A 179 -19.43 -12.01 -7.78
C ARG A 179 -20.95 -12.14 -7.80
N ASN A 180 -21.46 -13.29 -7.38
CA ASN A 180 -22.92 -13.45 -7.28
C ASN A 180 -23.40 -13.68 -5.85
N GLY A 181 -22.55 -13.35 -4.88
CA GLY A 181 -22.89 -13.47 -3.49
C GLY A 181 -22.58 -14.83 -2.88
N TYR A 182 -22.37 -15.84 -3.72
CA TYR A 182 -22.10 -17.20 -3.22
C TYR A 182 -20.74 -17.36 -2.54
N GLY A 183 -19.69 -16.91 -3.21
CA GLY A 183 -18.36 -17.11 -2.72
C GLY A 183 -17.82 -18.47 -3.15
N SER A 184 -16.50 -18.60 -3.12
CA SER A 184 -15.83 -19.84 -3.48
C SER A 184 -14.51 -19.91 -2.75
N THR A 185 -13.95 -21.11 -2.66
CA THR A 185 -12.67 -21.32 -2.01
C THR A 185 -11.57 -20.52 -2.72
N GLN A 186 -10.76 -19.80 -1.94
CA GLN A 186 -9.78 -18.92 -2.54
C GLN A 186 -8.36 -19.47 -2.39
N TYR A 187 -7.62 -19.38 -3.49
CA TYR A 187 -6.24 -19.83 -3.56
C TYR A 187 -5.34 -18.62 -3.79
N ILE A 188 -4.53 -18.27 -2.80
CA ILE A 188 -3.65 -17.13 -2.96
C ILE A 188 -2.22 -17.57 -3.29
N ARG A 189 -1.74 -17.17 -4.45
CA ARG A 189 -0.33 -17.31 -4.77
C ARG A 189 0.42 -16.23 -4.00
N PHE A 190 1.37 -16.64 -3.17
CA PHE A 190 2.08 -15.70 -2.32
C PHE A 190 3.41 -16.28 -1.88
N SER A 191 4.41 -15.42 -1.74
CA SER A 191 5.67 -15.82 -1.11
C SER A 191 6.10 -14.84 -0.04
N PRO A 192 6.46 -15.35 1.16
CA PRO A 192 6.98 -14.55 2.26
C PRO A 192 8.48 -14.33 2.11
N ASP A 193 9.04 -14.90 1.05
CA ASP A 193 10.49 -15.00 0.89
C ASP A 193 11.10 -13.90 0.03
N PHE A 194 10.23 -13.12 -0.62
CA PHE A 194 10.63 -11.99 -1.45
C PHE A 194 9.71 -10.82 -1.11
N THR A 195 10.14 -9.60 -1.42
CA THR A 195 9.23 -8.47 -1.34
C THR A 195 9.64 -7.39 -2.34
N PHE A 196 8.81 -6.36 -2.45
CA PHE A 196 9.04 -5.29 -3.41
C PHE A 196 9.78 -4.13 -2.76
N GLY A 197 10.46 -3.34 -3.56
CA GLY A 197 11.07 -2.11 -3.09
C GLY A 197 10.38 -0.94 -3.75
N PHE A 198 10.26 0.16 -3.03
CA PHE A 198 9.57 1.33 -3.57
C PHE A 198 10.22 2.60 -3.04
N GLU A 199 10.02 3.71 -3.75
CA GLU A 199 10.52 5.02 -3.33
C GLU A 199 9.42 5.77 -2.58
N GLU A 200 9.76 6.38 -1.46
CA GLU A 200 8.83 7.25 -0.77
C GLU A 200 9.55 8.51 -0.33
N SER A 201 8.83 9.64 -0.40
CA SER A 201 9.39 10.92 -0.02
C SER A 201 8.37 11.81 0.71
N LEU A 202 7.18 11.27 0.95
CA LEU A 202 6.11 12.06 1.57
C LEU A 202 6.29 12.26 3.08
N GLU A 203 6.72 11.20 3.76
CA GLU A 203 6.76 11.20 5.22
C GLU A 203 7.97 11.94 5.76
N VAL A 204 8.62 12.71 4.89
CA VAL A 204 9.86 13.38 5.23
C VAL A 204 9.66 14.53 6.23
N ASP A 205 8.46 15.12 6.29
CA ASP A 205 8.25 16.21 7.25
C ASP A 205 8.25 15.68 8.69
N THR A 206 7.60 14.54 8.92
CA THR A 206 7.59 13.90 10.23
C THR A 206 8.93 13.23 10.55
N ASN A 207 9.57 12.66 9.53
CA ASN A 207 10.84 11.99 9.73
C ASN A 207 11.92 12.57 8.84
N PRO A 208 12.49 13.72 9.22
CA PRO A 208 13.53 14.39 8.44
C PRO A 208 14.78 13.55 8.27
N LEU A 209 14.84 12.43 8.99
CA LEU A 209 16.00 11.54 8.95
C LEU A 209 15.71 10.28 8.12
N LEU A 210 14.69 10.34 7.30
CA LEU A 210 14.30 9.23 6.48
C LEU A 210 15.43 8.77 5.59
N GLY A 211 15.59 7.48 5.47
CA GLY A 211 16.66 6.92 4.72
C GLY A 211 16.60 7.15 3.24
N ALA A 212 17.77 7.23 2.65
CA ALA A 212 17.94 7.26 1.22
C ALA A 212 17.58 5.93 0.62
N GLY A 213 17.26 5.93 -0.64
CA GLY A 213 17.11 4.71 -1.37
C GLY A 213 15.79 4.03 -1.20
N LYS A 214 15.73 2.81 -1.63
CA LYS A 214 14.46 2.08 -1.64
C LYS A 214 14.05 1.53 -0.27
N PHE A 215 12.77 1.63 0.03
CA PHE A 215 12.20 0.95 1.19
C PHE A 215 11.53 -0.35 0.75
N ALA A 216 11.50 -1.34 1.62
CA ALA A 216 10.89 -2.60 1.29
C ALA A 216 9.45 -2.66 1.78
N THR A 217 8.54 -3.15 0.95
CA THR A 217 7.17 -3.43 1.40
C THR A 217 7.16 -4.51 2.46
N ASP A 218 6.41 -4.26 3.53
CA ASP A 218 6.22 -5.27 4.56
C ASP A 218 5.32 -6.38 4.03
N PRO A 219 5.83 -7.62 3.95
CA PRO A 219 5.04 -8.69 3.33
C PRO A 219 3.72 -8.93 4.04
N ALA A 220 3.58 -8.41 5.27
CA ALA A 220 2.31 -8.51 5.96
C ALA A 220 1.24 -7.65 5.28
N VAL A 221 1.68 -6.53 4.72
CA VAL A 221 0.78 -5.65 3.98
C VAL A 221 0.35 -6.34 2.68
N THR A 222 1.33 -6.93 2.01
CA THR A 222 1.08 -7.67 0.78
C THR A 222 0.13 -8.83 0.98
N LEU A 223 0.38 -9.64 2.00
CA LEU A 223 -0.54 -10.72 2.32
C LEU A 223 -1.91 -10.18 2.71
N ALA A 224 -1.95 -9.13 3.52
CA ALA A 224 -3.24 -8.57 3.92
C ALA A 224 -4.04 -8.14 2.69
N HIS A 225 -3.35 -7.57 1.70
CA HIS A 225 -3.96 -7.16 0.44
C HIS A 225 -4.66 -8.33 -0.26
N GLN A 226 -3.95 -9.43 -0.43
CA GLN A 226 -4.53 -10.61 -1.08
C GLN A 226 -5.66 -11.18 -0.23
N LEU A 227 -5.49 -11.14 1.10
CA LEU A 227 -6.56 -11.60 2.01
C LEU A 227 -7.82 -10.74 1.85
N ILE A 228 -7.66 -9.45 1.57
CA ILE A 228 -8.80 -8.58 1.30
C ILE A 228 -9.55 -9.08 0.07
N HIS A 229 -8.81 -9.38 -0.99
CA HIS A 229 -9.38 -9.94 -2.23
C HIS A 229 -10.13 -11.20 -1.90
N ALA A 230 -9.48 -12.09 -1.16
CA ALA A 230 -10.07 -13.37 -0.80
C ALA A 230 -11.36 -13.14 0.00
N GLY A 231 -11.38 -12.08 0.81
CA GLY A 231 -12.60 -11.74 1.55
C GLY A 231 -13.76 -11.39 0.64
N HIS A 232 -13.50 -10.45 -0.28
CA HIS A 232 -14.50 -10.08 -1.28
C HIS A 232 -15.04 -11.30 -2.02
N ARG A 233 -14.12 -12.17 -2.44
CA ARG A 233 -14.47 -13.30 -3.27
C ARG A 233 -15.24 -14.38 -2.50
N LEU A 234 -14.93 -14.54 -1.21
CA LEU A 234 -15.62 -15.50 -0.36
C LEU A 234 -17.06 -15.04 -0.09
N TYR A 235 -17.25 -13.73 -0.04
CA TYR A 235 -18.59 -13.18 0.12
C TYR A 235 -19.25 -12.92 -1.23
N GLY A 236 -18.56 -13.30 -2.31
CA GLY A 236 -19.12 -13.22 -3.65
C GLY A 236 -19.47 -11.81 -4.06
N ILE A 237 -18.72 -10.84 -3.54
CA ILE A 237 -18.90 -9.44 -3.90
C ILE A 237 -17.69 -8.83 -4.61
N ALA A 238 -16.80 -9.66 -5.15
CA ALA A 238 -15.71 -9.11 -5.96
C ALA A 238 -16.28 -8.37 -7.17
N ILE A 239 -15.57 -7.34 -7.60
CA ILE A 239 -15.94 -6.60 -8.81
C ILE A 239 -15.36 -7.31 -10.02
N ASN A 240 -16.21 -7.70 -10.96
CA ASN A 240 -15.80 -8.26 -12.25
C ASN A 240 -14.51 -7.60 -12.80
N PRO A 241 -13.50 -8.41 -13.15
CA PRO A 241 -12.27 -7.80 -13.68
C PRO A 241 -12.46 -7.17 -15.04
N ASN A 242 -13.63 -7.30 -15.68
CA ASN A 242 -13.84 -6.49 -16.87
C ASN A 242 -14.12 -5.03 -16.51
N ARG A 243 -14.17 -4.72 -15.21
CA ARG A 243 -14.25 -3.33 -14.79
C ARG A 243 -12.83 -2.83 -14.51
N VAL A 244 -12.30 -2.08 -15.46
CA VAL A 244 -10.95 -1.58 -15.36
C VAL A 244 -10.99 -0.06 -15.47
N PHE A 245 -10.05 0.61 -14.84
CA PHE A 245 -9.93 2.06 -14.96
C PHE A 245 -9.08 2.36 -16.18
N LYS A 246 -9.69 2.46 -17.36
CA LYS A 246 -8.92 2.57 -18.59
C LYS A 246 -8.21 3.93 -18.73
N VAL A 247 -7.07 3.88 -19.43
CA VAL A 247 -6.26 5.07 -19.60
C VAL A 247 -6.13 5.50 -21.05
N ASN A 248 -5.86 6.80 -21.25
CA ASN A 248 -5.46 7.31 -22.55
C ASN A 248 -3.99 7.01 -22.77
N THR A 249 -3.67 6.51 -23.95
CA THR A 249 -2.33 6.03 -24.22
C THR A 249 -1.70 6.70 -25.45
N ASN A 250 -2.45 7.60 -26.10
CA ASN A 250 -1.98 8.20 -27.34
C ASN A 250 -0.83 9.23 -27.23
N ALA A 251 -0.91 10.16 -26.28
CA ALA A 251 0.04 11.26 -26.21
C ALA A 251 1.45 10.81 -25.76
N TYR A 252 2.46 11.64 -26.03
CA TYR A 252 3.85 11.28 -25.76
C TYR A 252 4.13 11.06 -24.28
N TYR A 253 3.39 11.74 -23.42
CA TYR A 253 3.68 11.76 -21.99
C TYR A 253 2.91 10.68 -21.22
N GLU A 254 1.98 9.99 -21.91
CA GLU A 254 1.12 9.00 -21.27
C GLU A 254 1.73 7.63 -21.32
N MET A 255 1.38 6.79 -20.34
CA MET A 255 1.76 5.39 -20.37
C MET A 255 1.31 4.76 -21.68
N SER A 256 1.98 3.67 -22.07
CA SER A 256 1.58 2.91 -23.26
C SER A 256 0.40 2.03 -22.91
N GLY A 257 0.30 1.65 -21.64
CA GLY A 257 -0.76 0.79 -21.19
C GLY A 257 -0.75 0.65 -19.68
N LEU A 258 -1.92 0.37 -19.12
CA LEU A 258 -2.09 0.15 -17.69
C LEU A 258 -3.44 -0.52 -17.42
N GLU A 259 -3.38 -1.73 -16.87
CA GLU A 259 -4.58 -2.45 -16.49
C GLU A 259 -4.73 -2.39 -14.97
N VAL A 260 -5.56 -1.50 -14.45
CA VAL A 260 -5.86 -1.56 -13.02
C VAL A 260 -7.35 -1.71 -12.82
N SER A 261 -7.71 -2.78 -12.11
CA SER A 261 -9.10 -3.14 -11.95
C SER A 261 -9.77 -2.32 -10.86
N PHE A 262 -11.09 -2.16 -10.96
CA PHE A 262 -11.88 -1.51 -9.92
C PHE A 262 -11.72 -2.26 -8.60
N GLU A 263 -11.66 -3.59 -8.70
CA GLU A 263 -11.50 -4.47 -7.54
C GLU A 263 -10.21 -4.14 -6.78
N GLU A 264 -9.17 -3.77 -7.53
CA GLU A 264 -7.88 -3.39 -6.96
C GLU A 264 -7.93 -1.99 -6.31
N LEU A 265 -8.55 -1.03 -7.00
CA LEU A 265 -8.71 0.31 -6.44
C LEU A 265 -9.46 0.22 -5.12
N ARG A 266 -10.57 -0.50 -5.13
CA ARG A 266 -11.36 -0.72 -3.91
C ARG A 266 -10.50 -1.27 -2.76
N THR A 267 -9.75 -2.31 -3.10
CA THR A 267 -8.95 -3.05 -2.13
C THR A 267 -7.80 -2.19 -1.57
N PHE A 268 -7.18 -1.35 -2.40
CA PHE A 268 -6.13 -0.44 -1.90
C PHE A 268 -6.65 0.55 -0.85
N GLY A 269 -7.87 1.07 -1.05
CA GLY A 269 -8.40 2.07 -0.14
C GLY A 269 -7.77 3.43 -0.40
N GLY A 270 -7.74 4.28 0.62
CA GLY A 270 -7.12 5.60 0.52
C GLY A 270 -7.68 6.42 -0.62
N HIS A 271 -6.82 7.17 -1.28
CA HIS A 271 -7.22 7.99 -2.43
C HIS A 271 -7.59 7.13 -3.63
N ASP A 272 -6.92 6.00 -3.79
CA ASP A 272 -7.14 5.14 -4.95
C ASP A 272 -8.60 4.74 -5.09
N ALA A 273 -9.19 4.32 -3.98
CA ALA A 273 -10.58 3.91 -3.95
C ALA A 273 -11.51 5.04 -4.38
N LYS A 274 -11.10 6.28 -4.15
CA LYS A 274 -11.96 7.39 -4.52
C LYS A 274 -11.88 7.76 -6.00
N PHE A 275 -11.12 7.01 -6.79
CA PHE A 275 -11.11 7.27 -8.23
C PHE A 275 -12.46 6.87 -8.84
N ILE A 276 -13.21 6.06 -8.10
CA ILE A 276 -14.49 5.52 -8.57
C ILE A 276 -15.65 6.40 -8.11
N ASP A 277 -16.33 7.02 -9.07
CA ASP A 277 -17.38 8.00 -8.75
C ASP A 277 -18.57 7.39 -8.00
N SER A 278 -19.44 8.26 -7.50
CA SER A 278 -20.61 7.85 -6.72
C SER A 278 -21.63 7.00 -7.51
N LEU A 279 -21.85 7.34 -8.76
CA LEU A 279 -22.88 6.62 -9.52
C LEU A 279 -22.51 5.14 -9.66
N GLN A 280 -21.25 4.88 -10.02
CA GLN A 280 -20.77 3.50 -10.10
C GLN A 280 -20.75 2.85 -8.72
N GLU A 281 -20.32 3.60 -7.71
CA GLU A 281 -20.27 3.08 -6.36
C GLU A 281 -21.63 2.60 -5.89
N ASN A 282 -22.65 3.44 -6.01
CA ASN A 282 -23.97 3.05 -5.55
C ASN A 282 -24.54 1.89 -6.38
N GLU A 283 -24.20 1.84 -7.67
CA GLU A 283 -24.70 0.76 -8.54
C GLU A 283 -24.21 -0.59 -8.04
N PHE A 284 -22.93 -0.67 -7.68
CA PHE A 284 -22.34 -1.88 -7.10
C PHE A 284 -23.08 -2.30 -5.85
N ARG A 285 -23.21 -1.35 -4.92
CA ARG A 285 -23.80 -1.68 -3.62
C ARG A 285 -25.17 -2.26 -3.83
N LEU A 286 -25.99 -1.58 -4.63
CA LEU A 286 -27.35 -2.04 -4.93
C LEU A 286 -27.37 -3.42 -5.58
N TYR A 287 -26.46 -3.64 -6.53
CA TYR A 287 -26.31 -4.95 -7.14
C TYR A 287 -26.05 -6.03 -6.09
N TYR A 288 -25.06 -5.82 -5.22
CA TYR A 288 -24.69 -6.89 -4.29
C TYR A 288 -25.80 -7.12 -3.27
N TYR A 289 -26.46 -6.05 -2.86
CA TYR A 289 -27.60 -6.13 -1.97
C TYR A 289 -28.65 -7.11 -2.51
N ASN A 290 -28.97 -7.00 -3.80
CA ASN A 290 -29.94 -7.89 -4.42
C ASN A 290 -29.41 -9.32 -4.47
N LYS A 291 -28.12 -9.48 -4.74
CA LYS A 291 -27.53 -10.81 -4.71
C LYS A 291 -27.64 -11.43 -3.32
N PHE A 292 -27.49 -10.62 -2.28
CA PHE A 292 -27.64 -11.16 -0.91
C PHE A 292 -29.10 -11.53 -0.67
N LYS A 293 -30.01 -10.69 -1.18
CA LYS A 293 -31.44 -10.99 -1.11
C LYS A 293 -31.77 -12.34 -1.74
N ASP A 294 -31.11 -12.68 -2.84
CA ASP A 294 -31.35 -13.97 -3.51
C ASP A 294 -30.90 -15.11 -2.61
N ILE A 295 -29.79 -14.92 -1.90
CA ILE A 295 -29.36 -15.92 -0.95
C ILE A 295 -30.42 -16.16 0.13
N ALA A 296 -30.90 -15.07 0.73
CA ALA A 296 -31.94 -15.18 1.75
C ALA A 296 -33.14 -15.93 1.17
N SER A 297 -33.53 -15.59 -0.05
CA SER A 297 -34.68 -16.24 -0.67
C SER A 297 -34.46 -17.72 -0.95
N THR A 298 -33.28 -18.10 -1.43
CA THR A 298 -33.08 -19.51 -1.68
C THR A 298 -33.03 -20.29 -0.36
N LEU A 299 -32.55 -19.65 0.72
CA LEU A 299 -32.61 -20.27 2.04
C LEU A 299 -34.07 -20.44 2.50
N ASN A 300 -34.90 -19.43 2.25
CA ASN A 300 -36.31 -19.51 2.62
C ASN A 300 -37.04 -20.66 1.92
N LYS A 301 -36.65 -20.98 0.69
CA LYS A 301 -37.34 -22.08 0.02
C LYS A 301 -36.54 -23.38 0.07
N ALA A 302 -35.42 -23.40 0.79
CA ALA A 302 -34.69 -24.65 0.98
C ALA A 302 -35.46 -25.55 1.90
N LYS A 303 -35.65 -26.80 1.49
CA LYS A 303 -36.42 -27.76 2.28
C LYS A 303 -35.60 -29.00 2.62
N SER A 304 -34.52 -29.24 1.88
CA SER A 304 -33.64 -30.37 2.18
C SER A 304 -32.16 -30.04 2.01
N ILE A 305 -31.33 -30.92 2.54
CA ILE A 305 -29.91 -30.81 2.38
C ILE A 305 -29.34 -32.20 2.07
N VAL A 306 -28.37 -32.28 1.19
CA VAL A 306 -27.73 -33.56 0.88
C VAL A 306 -26.25 -33.53 1.12
N GLY A 307 -25.66 -34.72 1.22
CA GLY A 307 -24.22 -34.88 1.22
C GLY A 307 -23.55 -34.64 2.56
N THR A 308 -24.33 -34.72 3.64
CA THR A 308 -23.82 -34.49 4.98
C THR A 308 -24.86 -34.88 6.04
N THR A 309 -24.38 -35.18 7.24
CA THR A 309 -25.25 -35.43 8.39
C THR A 309 -25.65 -34.13 9.06
N ALA A 310 -24.98 -33.04 8.70
CA ALA A 310 -25.31 -31.74 9.26
C ALA A 310 -26.74 -31.41 8.87
N SER A 311 -27.49 -30.81 9.79
CA SER A 311 -28.91 -30.57 9.53
C SER A 311 -29.19 -29.32 8.69
N LEU A 312 -30.43 -29.22 8.23
CA LEU A 312 -30.87 -28.08 7.43
C LEU A 312 -30.84 -26.79 8.25
N GLN A 313 -31.35 -26.83 9.48
CA GLN A 313 -31.39 -25.62 10.27
C GLN A 313 -29.98 -25.17 10.61
N TYR A 314 -29.05 -26.11 10.73
CA TYR A 314 -27.65 -25.75 11.01
C TYR A 314 -27.05 -25.04 9.81
N MET A 315 -27.25 -25.59 8.61
CA MET A 315 -26.65 -25.01 7.41
C MET A 315 -27.25 -23.64 7.08
N LYS A 316 -28.57 -23.52 7.25
CA LYS A 316 -29.23 -22.23 7.05
C LYS A 316 -28.61 -21.19 7.97
N ASN A 317 -28.29 -21.59 9.20
CA ASN A 317 -27.82 -20.66 10.21
C ASN A 317 -26.41 -20.22 9.90
N VAL A 318 -25.63 -21.16 9.37
CA VAL A 318 -24.28 -20.89 8.93
C VAL A 318 -24.30 -19.70 7.98
N PHE A 319 -25.27 -19.69 7.06
CA PHE A 319 -25.35 -18.62 6.09
C PHE A 319 -26.12 -17.40 6.56
N LYS A 320 -27.04 -17.57 7.51
CA LYS A 320 -27.56 -16.41 8.22
C LYS A 320 -26.42 -15.64 8.87
N GLU A 321 -25.49 -16.36 9.48
CA GLU A 321 -24.35 -15.73 10.14
C GLU A 321 -23.37 -15.10 9.16
N LYS A 322 -22.99 -15.84 8.11
CA LYS A 322 -22.07 -15.30 7.11
C LYS A 322 -22.58 -13.98 6.55
N TYR A 323 -23.84 -13.97 6.10
CA TYR A 323 -24.40 -12.81 5.40
C TYR A 323 -25.09 -11.80 6.33
N LEU A 324 -25.04 -12.07 7.64
CA LEU A 324 -25.73 -11.28 8.67
C LEU A 324 -27.20 -11.02 8.28
N LEU A 325 -27.89 -12.09 7.93
CA LEU A 325 -29.31 -12.03 7.58
C LEU A 325 -30.17 -11.83 8.83
N SER A 326 -31.34 -11.22 8.66
CA SER A 326 -32.29 -11.17 9.75
C SER A 326 -33.20 -12.38 9.60
N GLU A 327 -33.83 -12.79 10.68
CA GLU A 327 -34.72 -13.94 10.66
C GLU A 327 -35.87 -13.69 11.64
N ASP A 328 -37.10 -13.67 11.13
CA ASP A 328 -38.26 -13.40 12.00
C ASP A 328 -38.64 -14.66 12.77
N THR A 329 -39.61 -14.58 13.67
CA THR A 329 -39.91 -15.72 14.56
C THR A 329 -40.52 -16.92 13.82
N SER A 330 -40.90 -16.74 12.55
CA SER A 330 -41.41 -17.87 11.79
C SER A 330 -40.29 -18.55 10.99
N GLY A 331 -39.09 -17.96 11.00
CA GLY A 331 -37.94 -18.55 10.34
C GLY A 331 -37.66 -18.01 8.96
N LYS A 332 -38.35 -16.94 8.60
CA LYS A 332 -38.18 -16.36 7.27
C LYS A 332 -36.99 -15.41 7.28
N PHE A 333 -35.98 -15.74 6.47
CA PHE A 333 -34.78 -14.90 6.36
C PHE A 333 -35.00 -13.69 5.45
N SER A 334 -34.42 -12.56 5.82
CA SER A 334 -34.43 -11.40 4.95
C SER A 334 -33.12 -10.60 5.09
N VAL A 335 -32.83 -9.78 4.09
CA VAL A 335 -31.72 -8.85 4.19
C VAL A 335 -32.23 -7.54 4.81
N ASP A 336 -31.63 -7.12 5.90
CA ASP A 336 -31.86 -5.79 6.46
C ASP A 336 -30.97 -4.76 5.76
N LYS A 337 -31.57 -3.68 5.26
CA LYS A 337 -30.81 -2.70 4.49
C LYS A 337 -29.64 -2.16 5.29
N LEU A 338 -29.90 -1.83 6.55
CA LEU A 338 -28.87 -1.26 7.42
C LEU A 338 -27.76 -2.25 7.74
N LYS A 339 -28.13 -3.49 8.02
CA LYS A 339 -27.13 -4.52 8.30
C LYS A 339 -26.27 -4.80 7.05
N PHE A 340 -26.92 -4.80 5.88
CA PHE A 340 -26.18 -5.03 4.65
C PHE A 340 -25.17 -3.93 4.47
N ASP A 341 -25.63 -2.69 4.62
CA ASP A 341 -24.78 -1.53 4.36
C ASP A 341 -23.53 -1.59 5.23
N LYS A 342 -23.70 -1.97 6.49
CA LYS A 342 -22.56 -2.07 7.41
C LYS A 342 -21.59 -3.19 7.02
N LEU A 343 -22.15 -4.33 6.64
CA LEU A 343 -21.34 -5.47 6.24
C LEU A 343 -20.57 -5.13 4.97
N TYR A 344 -21.28 -4.60 3.98
CA TYR A 344 -20.65 -4.20 2.72
C TYR A 344 -19.59 -3.14 2.97
N LYS A 345 -19.93 -2.15 3.81
CA LYS A 345 -18.94 -1.12 4.16
C LYS A 345 -17.71 -1.73 4.88
N MET A 346 -17.93 -2.66 5.79
CA MET A 346 -16.79 -3.29 6.43
C MET A 346 -15.94 -4.09 5.43
N LEU A 347 -16.59 -4.84 4.54
CA LEU A 347 -15.86 -5.72 3.64
C LEU A 347 -15.06 -4.93 2.61
N THR A 348 -15.52 -3.73 2.26
CA THR A 348 -14.94 -3.00 1.14
C THR A 348 -14.23 -1.70 1.49
N GLU A 349 -14.59 -1.09 2.62
CA GLU A 349 -14.00 0.21 3.01
C GLU A 349 -13.19 0.18 4.30
N ILE A 350 -13.55 -0.74 5.20
CA ILE A 350 -12.76 -0.94 6.40
C ILE A 350 -11.59 -1.88 6.09
N TYR A 351 -11.85 -3.00 5.42
CA TYR A 351 -10.79 -3.91 4.99
C TYR A 351 -10.10 -3.38 3.73
N THR A 352 -9.12 -2.49 3.90
CA THR A 352 -8.34 -1.96 2.78
C THR A 352 -6.86 -2.01 3.11
N GLU A 353 -6.02 -2.01 2.09
CA GLU A 353 -4.58 -1.95 2.31
C GLU A 353 -4.21 -0.71 3.13
N ASP A 354 -4.74 0.43 2.71
CA ASP A 354 -4.48 1.69 3.39
C ASP A 354 -4.70 1.58 4.91
N ASN A 355 -5.82 0.98 5.30
CA ASN A 355 -6.12 0.83 6.71
C ASN A 355 -5.20 -0.14 7.42
N PHE A 356 -4.76 -1.18 6.72
CA PHE A 356 -3.80 -2.11 7.31
C PHE A 356 -2.48 -1.42 7.56
N VAL A 357 -2.08 -0.54 6.65
CA VAL A 357 -0.84 0.20 6.79
C VAL A 357 -0.86 1.05 8.08
N LYS A 358 -2.02 1.63 8.39
CA LYS A 358 -2.20 2.39 9.63
C LYS A 358 -2.04 1.50 10.87
N PHE A 359 -2.63 0.30 10.85
CA PHE A 359 -2.50 -0.57 12.02
C PHE A 359 -1.08 -1.09 12.18
N PHE A 360 -0.40 -1.39 11.07
CA PHE A 360 0.96 -1.89 11.14
C PHE A 360 1.96 -0.75 11.44
N LYS A 361 1.58 0.48 11.15
CA LYS A 361 2.46 1.65 11.29
C LYS A 361 3.75 1.45 10.53
N VAL A 362 3.63 0.96 9.30
CA VAL A 362 4.78 0.76 8.45
C VAL A 362 4.80 1.82 7.36
N LEU A 363 5.90 1.90 6.62
CA LEU A 363 5.91 2.73 5.42
C LEU A 363 5.38 1.89 4.27
N ASN A 364 4.62 2.52 3.39
CA ASN A 364 4.03 1.83 2.26
C ASN A 364 3.76 2.80 1.11
N ALA A 365 3.74 2.29 -0.12
CA ALA A 365 3.30 3.12 -1.24
C ALA A 365 1.93 3.72 -0.91
N LYS A 366 1.72 5.00 -1.20
CA LYS A 366 0.46 5.62 -0.82
C LYS A 366 -0.61 5.43 -1.91
N THR A 367 -0.19 4.98 -3.09
CA THR A 367 -1.11 4.72 -4.21
C THR A 367 -0.52 3.67 -5.12
N PHE A 368 -1.39 2.91 -5.78
CA PHE A 368 -0.93 1.91 -6.73
C PHE A 368 -0.04 2.54 -7.81
N LEU A 369 -0.24 3.83 -8.05
CA LEU A 369 0.53 4.56 -9.08
C LEU A 369 1.98 4.79 -8.71
N ASN A 370 2.31 4.61 -7.44
CA ASN A 370 3.70 4.66 -7.02
C ASN A 370 4.29 3.27 -7.21
N PHE A 371 4.63 2.94 -8.46
CA PHE A 371 4.91 1.55 -8.82
C PHE A 371 6.14 1.00 -8.11
N ASP A 372 6.07 -0.28 -7.76
CA ASP A 372 7.24 -1.05 -7.33
C ASP A 372 8.39 -0.85 -8.31
N LYS A 373 9.60 -0.84 -7.76
CA LYS A 373 10.78 -0.53 -8.55
C LYS A 373 11.85 -1.62 -8.49
N ALA A 374 11.70 -2.56 -7.57
CA ALA A 374 12.70 -3.60 -7.39
C ALA A 374 12.17 -4.81 -6.63
N VAL A 375 12.84 -5.94 -6.79
CA VAL A 375 12.58 -7.13 -5.96
C VAL A 375 13.71 -7.37 -5.00
N PHE A 376 13.37 -7.76 -3.78
CA PHE A 376 14.36 -8.12 -2.78
C PHE A 376 14.10 -9.53 -2.24
N LYS A 377 15.18 -10.25 -1.97
CA LYS A 377 15.12 -11.50 -1.24
C LYS A 377 15.09 -11.13 0.23
N ILE A 378 14.25 -11.81 0.99
CA ILE A 378 14.17 -11.52 2.41
C ILE A 378 14.11 -12.79 3.23
N ASN A 379 14.25 -12.64 4.53
CA ASN A 379 13.98 -13.75 5.42
C ASN A 379 13.45 -13.26 6.76
N ILE A 380 12.14 -13.41 6.93
CA ILE A 380 11.43 -12.85 8.07
C ILE A 380 11.21 -13.86 9.19
N VAL A 381 11.61 -15.10 8.98
CA VAL A 381 11.47 -16.14 10.00
C VAL A 381 12.39 -15.89 11.22
N PRO A 382 13.68 -15.54 11.00
CA PRO A 382 14.49 -15.31 12.21
C PRO A 382 14.02 -14.07 12.98
N LYS A 383 13.88 -14.20 14.30
CA LYS A 383 13.35 -13.13 15.11
C LYS A 383 14.25 -11.90 15.08
N VAL A 384 15.51 -12.09 14.69
CA VAL A 384 16.48 -10.98 14.69
C VAL A 384 16.28 -10.13 13.45
N ASN A 385 15.50 -10.66 12.50
CA ASN A 385 15.17 -9.96 11.27
C ASN A 385 13.80 -9.28 11.29
N TYR A 386 12.84 -9.90 11.97
CA TYR A 386 11.43 -9.55 11.81
C TYR A 386 10.62 -10.13 12.95
N THR A 387 9.76 -9.33 13.56
CA THR A 387 8.90 -9.83 14.62
C THR A 387 7.44 -9.64 14.31
N ILE A 388 6.60 -10.36 15.04
CA ILE A 388 5.18 -10.34 14.79
C ILE A 388 4.61 -8.96 15.08
N TYR A 389 5.10 -8.28 16.12
CA TYR A 389 4.57 -6.95 16.46
C TYR A 389 5.25 -5.78 15.72
N ASP A 390 6.52 -5.88 15.36
CA ASP A 390 7.24 -4.72 14.81
C ASP A 390 7.70 -4.89 13.37
N GLY A 391 7.48 -6.08 12.83
CA GLY A 391 7.92 -6.35 11.47
C GLY A 391 9.42 -6.18 11.41
N PHE A 392 9.91 -5.45 10.40
CA PHE A 392 11.33 -5.12 10.28
C PHE A 392 11.80 -4.05 11.28
N ASN A 393 10.86 -3.26 11.80
CA ASN A 393 11.26 -2.05 12.54
C ASN A 393 11.37 -2.35 14.03
N LEU A 394 12.40 -3.10 14.38
CA LEU A 394 12.50 -3.70 15.70
C LEU A 394 12.60 -2.65 16.80
N ARG A 395 11.69 -2.73 17.77
CA ARG A 395 11.68 -1.82 18.91
C ARG A 395 13.03 -1.80 19.64
N ASN A 396 13.33 -0.68 20.29
CA ASN A 396 14.54 -0.54 21.10
C ASN A 396 15.81 -0.84 20.31
N THR A 397 15.78 -0.56 19.02
CA THR A 397 16.97 -0.65 18.18
C THR A 397 16.97 0.56 17.27
N ASN A 398 18.06 0.75 16.52
CA ASN A 398 18.11 1.85 15.57
C ASN A 398 17.14 1.65 14.39
N LEU A 399 16.57 0.46 14.28
CA LEU A 399 15.58 0.19 13.24
C LEU A 399 14.17 0.59 13.67
N ALA A 400 13.98 0.93 14.94
CA ALA A 400 12.65 1.25 15.44
C ALA A 400 12.08 2.52 14.82
N ALA A 401 12.91 3.56 14.68
CA ALA A 401 12.44 4.85 14.16
C ALA A 401 12.59 5.02 12.65
N ASN A 402 11.89 6.00 12.11
CA ASN A 402 12.00 6.38 10.70
C ASN A 402 11.85 5.25 9.67
N PHE A 403 11.18 4.18 10.06
CA PHE A 403 11.01 3.00 9.19
C PHE A 403 12.36 2.47 8.72
N ASN A 404 13.40 2.68 9.54
CA ASN A 404 14.76 2.25 9.23
C ASN A 404 14.84 0.74 8.92
N GLY A 405 14.05 -0.07 9.61
CA GLY A 405 14.02 -1.50 9.36
C GLY A 405 13.59 -1.85 7.95
N GLN A 406 12.77 -1.00 7.34
CA GLN A 406 12.32 -1.22 5.96
C GLN A 406 13.25 -0.57 4.93
N ASN A 407 14.23 0.21 5.40
CA ASN A 407 15.17 0.86 4.48
C ASN A 407 16.25 -0.11 4.02
N THR A 408 16.25 -0.44 2.73
CA THR A 408 17.09 -1.53 2.24
C THR A 408 18.56 -1.21 2.28
N GLU A 409 18.89 0.07 2.45
CA GLU A 409 20.29 0.47 2.55
C GLU A 409 20.75 0.43 4.00
N ILE A 410 19.94 0.99 4.89
CA ILE A 410 20.27 0.97 6.31
C ILE A 410 20.23 -0.46 6.85
N ASN A 411 19.17 -1.19 6.50
CA ASN A 411 19.03 -2.56 6.95
C ASN A 411 19.45 -3.52 5.84
N ASN A 412 20.58 -3.24 5.19
CA ASN A 412 21.00 -3.99 4.01
C ASN A 412 21.17 -5.51 4.19
N MET A 413 21.50 -5.98 5.39
CA MET A 413 21.65 -7.42 5.61
C MET A 413 20.33 -8.17 5.44
N ASN A 414 19.21 -7.46 5.55
CA ASN A 414 17.90 -8.09 5.44
C ASN A 414 17.34 -8.10 4.04
N PHE A 415 18.03 -7.47 3.10
CA PHE A 415 17.53 -7.33 1.74
C PHE A 415 18.61 -7.59 0.69
N THR A 416 18.36 -8.54 -0.18
CA THR A 416 19.24 -8.77 -1.30
C THR A 416 18.48 -8.37 -2.54
N LYS A 417 18.99 -7.37 -3.24
CA LYS A 417 18.30 -6.88 -4.42
C LYS A 417 18.52 -7.85 -5.56
N LEU A 418 17.43 -8.25 -6.21
CA LEU A 418 17.54 -9.26 -7.27
C LEU A 418 17.31 -8.64 -8.64
N LYS A 419 17.71 -9.40 -9.65
CA LYS A 419 17.45 -9.00 -11.03
C LYS A 419 15.95 -8.83 -11.27
N ASN A 420 15.52 -7.65 -11.70
CA ASN A 420 14.17 -7.45 -12.22
C ASN A 420 14.15 -8.05 -13.60
N PHE A 421 13.32 -9.08 -13.84
CA PHE A 421 13.28 -9.71 -15.15
C PHE A 421 12.55 -8.85 -16.19
N THR A 422 11.86 -7.81 -15.74
CA THR A 422 11.38 -6.79 -16.66
C THR A 422 12.54 -5.84 -16.94
N GLY A 423 13.14 -5.90 -18.12
CA GLY A 423 14.23 -5.01 -18.47
C GLY A 423 13.81 -3.55 -18.37
N LEU A 424 14.79 -2.65 -18.17
CA LEU A 424 14.51 -1.22 -17.96
C LEU A 424 13.72 -0.60 -19.09
N PHE A 425 14.07 -0.97 -20.32
CA PHE A 425 13.34 -0.48 -21.47
C PHE A 425 12.76 -1.64 -22.27
N GLU A 426 12.30 -2.67 -21.56
CA GLU A 426 11.49 -3.71 -22.19
C GLU A 426 10.22 -3.06 -22.74
N PHE A 427 9.57 -2.25 -21.90
CA PHE A 427 8.36 -1.52 -22.30
C PHE A 427 8.61 -0.02 -22.21
N TYR A 428 8.51 0.66 -23.34
CA TYR A 428 8.94 2.05 -23.38
C TYR A 428 8.28 2.85 -24.47
N LYS A 429 8.38 4.17 -24.36
CA LYS A 429 8.19 5.05 -25.50
C LYS A 429 9.53 5.68 -25.88
N LEU A 430 9.69 5.99 -27.16
CA LEU A 430 10.88 6.68 -27.64
C LEU A 430 10.57 8.16 -27.85
N LEU A 431 11.08 9.03 -26.98
CA LEU A 431 10.81 10.46 -27.09
C LEU A 431 11.97 11.23 -27.71
N CYS A 432 11.68 11.92 -28.79
CA CYS A 432 12.72 12.58 -29.59
C CYS A 432 12.49 14.07 -29.67
N VAL A 433 13.45 14.86 -29.20
CA VAL A 433 13.41 16.27 -29.48
C VAL A 433 13.93 16.41 -30.89
N ARG A 434 13.15 17.07 -31.75
CA ARG A 434 13.58 17.23 -33.14
C ARG A 434 14.88 18.03 -33.19
N GLY A 435 15.81 17.54 -34.01
CA GLY A 435 17.15 18.09 -34.08
C GLY A 435 17.17 19.60 -34.27
N ILE A 436 16.34 20.09 -35.17
CA ILE A 436 16.25 21.52 -35.44
C ILE A 436 15.93 22.33 -34.19
N ILE A 437 15.12 21.77 -33.30
CA ILE A 437 14.79 22.41 -32.02
C ILE A 437 16.05 22.68 -31.21
N THR A 438 16.92 21.68 -31.13
CA THR A 438 18.18 21.79 -30.39
C THR A 438 19.16 22.81 -31.00
N SER A 439 18.94 23.18 -32.26
CA SER A 439 19.79 24.18 -32.92
C SER A 439 18.97 25.33 -33.50
N ALA A 451 18.37 19.66 -38.54
CA ALA A 451 19.80 19.81 -38.72
C ALA A 451 20.56 18.77 -37.90
N LEU A 452 20.98 19.17 -36.70
CA LEU A 452 21.72 18.28 -35.82
C LEU A 452 20.79 17.12 -35.44
N ASN A 453 21.35 15.95 -35.17
CA ASN A 453 20.53 14.79 -34.92
C ASN A 453 19.45 15.02 -33.89
N ASP A 454 18.41 14.29 -34.09
CA ASP A 454 17.38 14.10 -33.05
C ASP A 454 17.94 13.61 -31.70
N LEU A 455 17.37 14.13 -30.63
CA LEU A 455 17.74 13.72 -29.27
C LEU A 455 16.72 12.75 -28.74
N CYS A 456 16.94 11.47 -28.99
CA CYS A 456 15.97 10.44 -28.67
C CYS A 456 16.36 9.73 -27.38
N ILE A 457 15.39 9.57 -26.49
CA ILE A 457 15.60 8.77 -25.28
C ILE A 457 14.47 7.78 -25.14
N LYS A 458 14.78 6.67 -24.46
CA LYS A 458 13.78 5.69 -24.09
C LYS A 458 13.25 6.02 -22.70
N VAL A 459 11.93 6.01 -22.56
CA VAL A 459 11.33 6.21 -21.26
C VAL A 459 10.53 4.98 -20.86
N ASN A 460 10.89 4.38 -19.74
CA ASN A 460 10.19 3.22 -19.20
C ASN A 460 8.70 3.54 -19.03
N ASN A 461 7.84 2.58 -19.38
CA ASN A 461 6.39 2.80 -19.37
C ASN A 461 5.85 3.35 -18.06
N TRP A 462 6.40 2.88 -16.94
CA TRP A 462 5.87 3.22 -15.65
C TRP A 462 6.50 4.49 -15.09
N ASP A 463 7.29 5.17 -15.92
CA ASP A 463 7.81 6.49 -15.61
C ASP A 463 6.95 7.56 -16.25
N LEU A 464 6.04 7.15 -17.12
CA LEU A 464 5.12 8.06 -17.81
C LEU A 464 3.86 8.39 -17.01
N PHE A 465 3.03 9.28 -17.53
CA PHE A 465 1.86 9.76 -16.80
C PHE A 465 0.60 8.91 -16.94
N PHE A 466 -0.12 8.83 -15.83
CA PHE A 466 -1.43 8.19 -15.76
C PHE A 466 -2.47 9.20 -16.20
N SER A 467 -3.16 8.92 -17.30
CA SER A 467 -4.14 9.83 -17.84
C SER A 467 -5.46 9.11 -17.99
N PRO A 468 -6.31 9.18 -16.97
CA PRO A 468 -7.53 8.36 -16.98
C PRO A 468 -8.50 8.81 -18.08
N SER A 469 -9.05 7.82 -18.78
CA SER A 469 -10.04 8.08 -19.80
C SER A 469 -11.28 8.73 -19.20
N GLU A 470 -11.88 9.65 -19.95
CA GLU A 470 -13.08 10.33 -19.53
C GLU A 470 -14.23 9.37 -19.21
N ASP A 471 -14.24 8.23 -19.87
CA ASP A 471 -15.35 7.30 -19.70
C ASP A 471 -15.37 6.64 -18.33
N ASN A 472 -14.25 6.72 -17.60
CA ASN A 472 -14.21 6.22 -16.23
C ASN A 472 -15.10 7.05 -15.33
N PHE A 473 -15.37 8.28 -15.76
CA PHE A 473 -16.12 9.21 -14.92
C PHE A 473 -17.53 9.41 -15.44
N THR A 474 -18.49 9.03 -14.61
CA THR A 474 -19.90 9.10 -14.97
C THR A 474 -20.68 9.80 -13.87
N ASN A 475 -21.83 10.32 -14.24
CA ASN A 475 -22.69 11.01 -13.31
C ASN A 475 -24.11 11.15 -13.86
N ASP A 476 -25.08 11.30 -12.97
CA ASP A 476 -26.43 11.65 -13.39
C ASP A 476 -26.82 12.98 -12.77
N LEU A 477 -25.89 13.92 -12.78
CA LEU A 477 -26.13 15.27 -12.30
C LEU A 477 -27.20 15.99 -13.09
N ASN A 478 -27.27 15.67 -14.39
CA ASN A 478 -28.17 16.32 -15.31
C ASN A 478 -29.59 15.74 -15.30
N LYS A 479 -29.77 14.62 -14.61
CA LYS A 479 -31.09 14.03 -14.51
C LYS A 479 -31.96 14.81 -13.53
N GLY A 480 -33.25 14.90 -13.81
CA GLY A 480 -34.17 15.58 -12.90
C GLY A 480 -34.71 14.55 -11.96
N GLU A 481 -35.11 14.95 -10.75
CA GLU A 481 -35.78 14.00 -9.89
C GLU A 481 -37.03 14.57 -9.28
N GLU A 482 -37.86 13.66 -8.81
CA GLU A 482 -39.18 13.97 -8.33
C GLU A 482 -39.16 14.10 -6.81
N ILE A 483 -39.43 15.30 -6.30
CA ILE A 483 -39.45 15.50 -4.86
C ILE A 483 -40.81 15.13 -4.30
N THR A 484 -40.77 14.41 -3.21
CA THR A 484 -41.93 13.82 -2.61
C THR A 484 -41.91 14.18 -1.14
N SER A 485 -43.06 14.03 -0.50
CA SER A 485 -43.20 14.15 0.94
C SER A 485 -42.41 13.08 1.63
N ASP A 486 -42.21 12.00 0.93
CA ASP A 486 -41.55 10.88 1.48
C ASP A 486 -40.08 10.89 1.24
N THR A 487 -39.61 11.78 0.40
CA THR A 487 -38.33 11.58 -0.27
C THR A 487 -37.24 11.38 0.77
N ASN A 488 -36.34 10.47 0.47
CA ASN A 488 -35.44 9.97 1.48
C ASN A 488 -34.23 10.82 1.56
N ILE A 489 -33.96 11.24 2.77
CA ILE A 489 -32.83 12.08 3.00
C ILE A 489 -31.77 11.15 3.54
N GLU A 490 -30.62 11.18 2.90
CA GLU A 490 -29.47 10.39 3.35
C GLU A 490 -28.97 10.86 4.71
N ASN A 495 -17.61 8.94 8.33
CA ASN A 495 -16.43 8.47 7.61
C ASN A 495 -15.68 7.37 8.37
N ILE A 496 -14.73 6.72 7.70
CA ILE A 496 -14.01 5.59 8.28
C ILE A 496 -12.89 6.04 9.22
N SER A 497 -13.21 6.15 10.50
CA SER A 497 -12.23 6.57 11.47
C SER A 497 -11.74 5.39 12.29
N LEU A 498 -10.69 5.61 13.07
CA LEU A 498 -10.17 4.57 13.92
C LEU A 498 -11.22 4.19 14.97
N ASP A 499 -11.91 5.19 15.52
CA ASP A 499 -13.03 4.92 16.43
C ASP A 499 -14.13 4.07 15.77
N LEU A 500 -14.45 4.36 14.53
CA LEU A 500 -15.50 3.59 13.86
C LEU A 500 -15.05 2.13 13.74
N ILE A 501 -13.80 1.91 13.37
CA ILE A 501 -13.27 0.55 13.27
C ILE A 501 -13.38 -0.16 14.63
N GLN A 502 -13.10 0.55 15.73
CA GLN A 502 -13.22 -0.07 17.06
C GLN A 502 -14.68 -0.43 17.38
N GLN A 503 -15.61 0.38 16.87
CA GLN A 503 -17.02 0.09 17.08
C GLN A 503 -17.42 -1.16 16.29
N TYR A 504 -16.90 -1.30 15.08
CA TYR A 504 -17.15 -2.52 14.30
C TYR A 504 -16.45 -3.72 14.96
N TYR A 505 -15.26 -3.48 15.51
CA TYR A 505 -14.54 -4.53 16.22
C TYR A 505 -15.39 -5.14 17.33
N LEU A 506 -16.16 -4.29 18.01
CA LEU A 506 -16.93 -4.70 19.18
C LEU A 506 -18.16 -5.54 18.83
N THR A 507 -18.50 -5.64 17.55
CA THR A 507 -19.65 -6.43 17.16
C THR A 507 -19.22 -7.86 16.89
N PHE A 508 -17.89 -8.08 16.90
CA PHE A 508 -17.33 -9.39 16.61
C PHE A 508 -17.33 -10.33 17.80
N ASN A 509 -17.86 -11.52 17.59
CA ASN A 509 -17.64 -12.60 18.54
C ASN A 509 -16.53 -13.48 18.00
N PHE A 510 -15.36 -13.38 18.62
CA PHE A 510 -14.29 -14.29 18.30
C PHE A 510 -14.61 -15.58 19.08
N ASP A 511 -13.95 -16.68 18.75
CA ASP A 511 -14.25 -18.06 19.24
C ASP A 511 -15.35 -18.77 18.43
N ASN A 512 -16.44 -18.07 18.12
CA ASN A 512 -17.57 -18.69 17.42
C ASN A 512 -17.40 -18.82 15.91
N GLU A 513 -16.85 -19.95 15.47
CA GLU A 513 -16.66 -20.25 14.05
C GLU A 513 -17.55 -21.42 13.59
N PRO A 514 -17.82 -21.51 12.28
CA PRO A 514 -18.49 -22.71 11.75
C PRO A 514 -17.67 -23.97 12.00
N GLU A 515 -18.36 -25.07 12.24
CA GLU A 515 -17.71 -26.35 12.50
C GLU A 515 -17.10 -26.91 11.22
N ASN A 516 -16.11 -27.77 11.37
CA ASN A 516 -15.63 -28.60 10.29
C ASN A 516 -16.55 -29.82 10.29
N ILE A 517 -17.51 -29.86 9.35
CA ILE A 517 -18.49 -30.94 9.35
C ILE A 517 -18.10 -32.08 8.43
N SER A 518 -18.65 -33.25 8.70
CA SER A 518 -18.43 -34.40 7.84
C SER A 518 -19.26 -34.28 6.57
N ILE A 519 -18.60 -34.30 5.42
CA ILE A 519 -19.30 -34.38 4.15
C ILE A 519 -18.98 -35.72 3.54
N GLU A 520 -19.82 -36.17 2.63
CA GLU A 520 -19.56 -37.38 1.85
C GLU A 520 -18.34 -37.19 0.96
N ASN A 521 -17.58 -38.26 0.79
CA ASN A 521 -16.41 -38.20 -0.07
C ASN A 521 -16.77 -37.90 -1.52
N LEU A 522 -15.98 -37.00 -2.11
CA LEU A 522 -16.05 -36.69 -3.52
C LEU A 522 -15.21 -37.68 -4.31
N SER A 523 -15.16 -37.51 -5.62
CA SER A 523 -14.24 -38.26 -6.47
C SER A 523 -12.80 -38.08 -6.00
N SER A 524 -12.01 -39.12 -6.22
CA SER A 524 -10.59 -39.12 -5.88
C SER A 524 -9.87 -37.92 -6.52
N ASP A 525 -10.25 -37.63 -7.76
CA ASP A 525 -9.83 -36.39 -8.41
C ASP A 525 -11.02 -35.43 -8.43
N ILE A 526 -10.82 -34.22 -7.93
CA ILE A 526 -11.85 -33.17 -8.01
C ILE A 526 -11.62 -32.39 -9.29
N ILE A 527 -12.60 -32.38 -10.18
CA ILE A 527 -12.40 -31.72 -11.47
C ILE A 527 -12.67 -30.24 -11.35
N GLY A 528 -11.70 -29.42 -11.74
CA GLY A 528 -11.85 -28.01 -11.55
C GLY A 528 -11.18 -27.17 -12.62
N GLN A 529 -11.83 -26.09 -13.01
CA GLN A 529 -11.21 -25.13 -13.89
C GLN A 529 -11.26 -23.76 -13.24
N LEU A 530 -10.14 -23.04 -13.30
CA LEU A 530 -10.05 -21.71 -12.71
C LEU A 530 -11.02 -20.76 -13.40
N GLU A 531 -11.52 -19.77 -12.66
CA GLU A 531 -12.48 -18.83 -13.18
C GLU A 531 -12.01 -18.18 -14.48
N LEU A 532 -12.87 -18.24 -15.50
CA LEU A 532 -12.54 -17.65 -16.80
C LEU A 532 -12.21 -16.18 -16.62
N MET A 533 -11.07 -15.76 -17.15
CA MET A 533 -10.61 -14.37 -17.02
C MET A 533 -10.68 -13.63 -18.35
N PRO A 534 -11.03 -12.33 -18.31
CA PRO A 534 -11.02 -11.52 -19.53
C PRO A 534 -9.62 -11.48 -20.16
N ASN A 535 -9.53 -11.83 -21.44
CA ASN A 535 -8.25 -11.77 -22.12
C ASN A 535 -7.78 -10.33 -22.22
N ILE A 536 -6.48 -10.10 -22.06
CA ILE A 536 -5.96 -8.74 -22.08
C ILE A 536 -4.97 -8.58 -23.24
N GLU A 537 -5.10 -7.45 -23.95
CA GLU A 537 -4.25 -7.17 -25.11
C GLU A 537 -2.89 -6.65 -24.68
N ARG A 538 -1.85 -6.95 -25.46
CA ARG A 538 -0.54 -6.33 -25.25
C ARG A 538 -0.61 -4.85 -25.61
N PHE A 539 0.06 -4.00 -24.83
CA PHE A 539 0.19 -2.58 -25.20
C PHE A 539 1.04 -2.48 -26.44
N PRO A 540 0.78 -1.47 -27.28
CA PRO A 540 1.78 -1.17 -28.31
C PRO A 540 3.08 -0.75 -27.62
N ASN A 541 4.22 -1.12 -28.19
CA ASN A 541 5.50 -0.86 -27.54
C ASN A 541 6.49 -0.18 -28.48
N GLY A 542 7.33 0.68 -27.92
CA GLY A 542 8.35 1.36 -28.69
C GLY A 542 7.86 2.49 -29.57
N LYS A 543 6.63 2.96 -29.34
CA LYS A 543 6.09 4.06 -30.13
C LYS A 543 7.00 5.28 -30.09
N LYS A 544 7.21 5.89 -31.25
CA LYS A 544 8.15 6.99 -31.41
C LYS A 544 7.43 8.34 -31.51
N TYR A 545 7.91 9.34 -30.77
CA TYR A 545 7.34 10.68 -30.82
C TYR A 545 8.38 11.74 -31.17
N GLU A 546 8.02 12.59 -32.10
CA GLU A 546 8.85 13.67 -32.54
C GLU A 546 8.30 14.90 -31.93
N LEU A 547 9.12 15.62 -31.20
CA LEU A 547 8.63 16.69 -30.39
C LEU A 547 9.32 18.01 -30.61
N ASP A 548 8.60 19.07 -30.30
CA ASP A 548 9.05 20.41 -30.52
C ASP A 548 9.56 21.08 -29.25
N LYS A 549 10.02 20.29 -28.30
CA LYS A 549 10.55 20.78 -27.03
C LYS A 549 11.27 19.71 -26.24
N TYR A 550 12.12 20.12 -25.31
CA TYR A 550 12.67 19.20 -24.36
C TYR A 550 11.55 18.87 -23.38
N THR A 551 11.34 17.60 -23.08
CA THR A 551 10.37 17.21 -22.05
C THR A 551 11.04 17.10 -20.67
N MET A 552 10.23 17.05 -19.63
CA MET A 552 10.66 16.60 -18.30
C MET A 552 11.61 15.42 -18.38
N PHE A 553 11.24 14.45 -19.21
CA PHE A 553 11.97 13.20 -19.32
C PHE A 553 13.35 13.41 -19.91
N HIS A 554 13.47 14.37 -20.82
CA HIS A 554 14.80 14.68 -21.33
C HIS A 554 15.62 15.34 -20.22
N TYR A 555 15.00 16.25 -19.46
CA TYR A 555 15.73 16.98 -18.43
C TYR A 555 16.18 16.03 -17.34
N LEU A 556 15.38 15.01 -17.07
CA LEU A 556 15.71 14.04 -16.05
C LEU A 556 16.80 13.09 -16.51
N ARG A 557 16.64 12.53 -17.70
CA ARG A 557 17.67 11.63 -18.28
C ARG A 557 19.00 12.37 -18.36
N ALA A 558 18.95 13.66 -18.65
CA ALA A 558 20.17 14.46 -18.79
C ALA A 558 20.94 14.49 -17.47
N GLN A 559 20.28 14.19 -16.36
CA GLN A 559 20.92 14.26 -15.06
C GLN A 559 21.50 12.92 -14.62
N GLU A 560 21.47 11.94 -15.52
CA GLU A 560 21.95 10.59 -15.18
C GLU A 560 23.36 10.30 -15.72
N PHE A 561 24.03 9.31 -15.14
CA PHE A 561 25.27 8.78 -15.70
C PHE A 561 25.38 7.27 -15.46
N GLU A 562 26.20 6.61 -16.26
CA GLU A 562 26.42 5.17 -16.11
C GLU A 562 27.88 4.93 -15.73
N HIS A 563 28.28 3.67 -15.66
CA HIS A 563 29.64 3.33 -15.27
C HIS A 563 30.66 3.86 -16.27
N GLY A 564 31.72 4.45 -15.75
CA GLY A 564 32.71 5.11 -16.59
C GLY A 564 34.04 5.28 -15.90
N LYS A 565 35.07 5.55 -16.70
CA LYS A 565 36.44 5.59 -16.22
C LYS A 565 36.90 7.02 -15.89
N SER A 566 36.37 7.99 -16.62
CA SER A 566 36.83 9.37 -16.47
C SER A 566 36.00 10.16 -15.46
N ARG A 567 36.42 11.40 -15.22
CA ARG A 567 35.75 12.27 -14.27
C ARG A 567 34.51 12.91 -14.88
N ILE A 568 33.37 12.73 -14.22
CA ILE A 568 32.13 13.36 -14.61
C ILE A 568 32.24 14.86 -14.42
N ALA A 569 31.69 15.64 -15.35
CA ALA A 569 31.57 17.06 -15.10
C ALA A 569 30.11 17.49 -15.21
N LEU A 570 29.69 18.35 -14.28
CA LEU A 570 28.36 18.93 -14.37
C LEU A 570 28.34 20.00 -15.45
N THR A 571 27.17 20.20 -16.06
CA THR A 571 27.00 21.25 -17.05
C THR A 571 25.61 21.83 -16.89
N ASN A 572 25.41 23.10 -17.27
CA ASN A 572 24.07 23.70 -17.19
C ASN A 572 23.31 23.51 -18.49
N SER A 573 23.92 22.78 -19.44
CA SER A 573 23.26 22.52 -20.72
C SER A 573 22.71 21.10 -20.79
N VAL A 574 21.38 21.01 -20.92
CA VAL A 574 20.70 19.73 -21.04
C VAL A 574 21.20 18.99 -22.27
N ASN A 575 21.33 19.76 -23.35
CA ASN A 575 21.81 19.26 -24.62
C ASN A 575 23.18 18.57 -24.52
N GLU A 576 24.16 19.29 -23.95
CA GLU A 576 25.51 18.77 -23.76
C GLU A 576 25.50 17.45 -22.97
N ALA A 577 24.70 17.40 -21.91
CA ALA A 577 24.67 16.21 -21.05
C ALA A 577 24.08 14.99 -21.77
N LEU A 578 23.05 15.21 -22.59
CA LEU A 578 22.43 14.09 -23.31
C LEU A 578 23.32 13.57 -24.42
N LEU A 579 24.32 14.35 -24.83
CA LEU A 579 25.20 13.96 -25.92
C LEU A 579 26.52 13.34 -25.43
N ASN A 580 26.85 13.58 -24.16
CA ASN A 580 28.14 13.16 -23.63
C ASN A 580 27.98 12.39 -22.33
N PRO A 581 28.34 11.10 -22.35
CA PRO A 581 28.24 10.21 -21.19
C PRO A 581 29.06 10.69 -19.98
N SER A 582 30.02 11.58 -20.20
CA SER A 582 30.80 12.11 -19.09
C SER A 582 30.29 13.49 -18.64
N ARG A 583 29.12 13.89 -19.11
CA ARG A 583 28.57 15.19 -18.74
C ARG A 583 27.16 15.01 -18.21
N VAL A 584 26.91 15.65 -17.07
CA VAL A 584 25.65 15.49 -16.34
C VAL A 584 25.02 16.86 -16.09
N TYR A 585 23.75 16.99 -16.49
CA TYR A 585 23.05 18.25 -16.34
C TYR A 585 22.74 18.57 -14.89
N THR A 586 23.00 19.80 -14.47
CA THR A 586 22.50 20.25 -13.18
C THR A 586 21.69 21.53 -13.35
N PHE A 587 20.68 21.69 -12.50
CA PHE A 587 19.91 22.92 -12.44
C PHE A 587 20.49 23.87 -11.41
N PHE A 588 21.56 23.44 -10.74
CA PHE A 588 22.27 24.27 -9.77
C PHE A 588 22.95 25.44 -10.48
N SER A 589 23.50 26.38 -9.72
CA SER A 589 24.07 27.60 -10.29
C SER A 589 25.37 27.34 -11.06
N SER A 590 25.72 28.28 -11.95
CA SER A 590 26.99 28.20 -12.67
C SER A 590 28.18 28.16 -11.70
N ASP A 591 28.05 28.91 -10.61
CA ASP A 591 29.02 28.86 -9.53
C ASP A 591 29.21 27.46 -8.98
N TYR A 592 28.11 26.75 -8.77
CA TYR A 592 28.21 25.37 -8.29
C TYR A 592 28.94 24.53 -9.33
N VAL A 593 28.59 24.73 -10.60
CA VAL A 593 29.18 23.98 -11.67
C VAL A 593 30.71 24.10 -11.67
N LYS A 594 31.24 25.31 -11.65
CA LYS A 594 32.70 25.36 -11.74
C LYS A 594 33.36 24.99 -10.42
N LYS A 595 32.68 25.17 -9.28
CA LYS A 595 33.28 24.70 -8.03
C LYS A 595 33.44 23.16 -7.98
N VAL A 596 32.40 22.40 -8.35
CA VAL A 596 32.50 20.94 -8.33
C VAL A 596 33.45 20.44 -9.41
N ASN A 597 33.52 21.17 -10.52
CA ASN A 597 34.34 20.73 -11.65
C ASN A 597 35.84 21.01 -11.51
N LYS A 598 36.21 21.95 -10.63
CA LYS A 598 37.61 22.38 -10.53
C LYS A 598 38.53 21.31 -9.95
N ALA A 599 39.75 21.26 -10.46
CA ALA A 599 40.79 20.40 -9.90
C ALA A 599 41.08 20.90 -8.50
N THR A 600 41.12 19.98 -7.54
CA THR A 600 41.20 20.38 -6.15
C THR A 600 42.28 19.58 -5.47
N GLU A 601 43.32 20.28 -5.00
CA GLU A 601 44.46 19.62 -4.39
C GLU A 601 44.12 19.07 -3.01
N ALA A 602 44.87 18.04 -2.61
CA ALA A 602 44.65 17.28 -1.38
C ALA A 602 44.46 18.13 -0.12
N ALA A 603 45.26 19.17 0.05
CA ALA A 603 45.19 20.00 1.24
C ALA A 603 43.90 20.80 1.31
N MET A 604 43.22 20.97 0.19
CA MET A 604 41.96 21.72 0.20
C MET A 604 40.74 20.81 0.07
N PHE A 605 40.98 19.51 0.04
CA PHE A 605 39.92 18.54 -0.22
C PHE A 605 38.77 18.65 0.79
N LEU A 606 39.06 18.61 2.08
CA LEU A 606 37.95 18.49 3.02
C LEU A 606 37.15 19.79 3.10
N GLY A 607 37.83 20.93 2.98
CA GLY A 607 37.11 22.19 2.93
C GLY A 607 36.29 22.32 1.66
N TRP A 608 36.76 21.69 0.60
CA TRP A 608 36.06 21.72 -0.68
C TRP A 608 34.77 20.91 -0.57
N VAL A 609 34.90 19.72 0.00
CA VAL A 609 33.75 18.89 0.32
C VAL A 609 32.78 19.64 1.24
N GLU A 610 33.31 20.24 2.31
CA GLU A 610 32.49 21.01 3.24
C GLU A 610 31.66 22.08 2.50
N GLN A 611 32.29 22.80 1.58
CA GLN A 611 31.61 23.84 0.83
C GLN A 611 30.53 23.30 -0.11
N LEU A 612 30.85 22.23 -0.84
CA LEU A 612 29.88 21.65 -1.77
C LEU A 612 28.60 21.21 -1.06
N VAL A 613 28.75 20.67 0.15
CA VAL A 613 27.58 20.25 0.92
C VAL A 613 26.74 21.48 1.31
N TYR A 614 27.43 22.54 1.72
CA TYR A 614 26.77 23.80 2.05
C TYR A 614 25.99 24.28 0.84
N ASP A 615 26.68 24.36 -0.29
CA ASP A 615 26.11 24.83 -1.54
C ASP A 615 24.96 23.95 -2.00
N PHE A 616 25.17 22.64 -1.94
CA PHE A 616 24.11 21.69 -2.31
C PHE A 616 22.87 21.98 -1.48
N THR A 617 23.07 22.16 -0.19
CA THR A 617 22.00 22.44 0.76
C THR A 617 21.35 23.78 0.48
N ASP A 618 22.16 24.83 0.31
CA ASP A 618 21.62 26.15 0.01
C ASP A 618 20.76 26.12 -1.26
N GLU A 619 21.25 25.46 -2.30
CA GLU A 619 20.48 25.48 -3.55
C GLU A 619 19.22 24.66 -3.44
N THR A 620 19.28 23.53 -2.75
CA THR A 620 18.11 22.65 -2.76
C THR A 620 17.09 23.07 -1.72
N SER A 621 17.50 23.87 -0.74
CA SER A 621 16.52 24.28 0.26
C SER A 621 15.98 25.70 0.05
N GLU A 622 16.26 26.31 -1.09
CA GLU A 622 15.73 27.65 -1.32
C GLU A 622 14.20 27.66 -1.47
N VAL A 623 13.58 28.62 -0.80
CA VAL A 623 12.14 28.81 -0.84
C VAL A 623 11.81 30.27 -1.03
N SER A 624 10.96 30.57 -2.00
CA SER A 624 10.44 31.91 -2.18
C SER A 624 9.04 31.97 -1.61
N THR A 625 8.73 33.02 -0.88
CA THR A 625 7.39 33.23 -0.37
C THR A 625 6.63 34.16 -1.30
N THR A 626 5.31 34.02 -1.38
CA THR A 626 4.54 34.91 -2.24
C THR A 626 3.15 35.23 -1.71
N ASP A 627 2.66 36.41 -2.08
CA ASP A 627 1.32 36.85 -1.72
C ASP A 627 0.42 36.97 -2.95
N LYS A 628 0.92 36.52 -4.10
CA LYS A 628 0.26 36.82 -5.37
C LYS A 628 -0.47 35.65 -6.05
N ILE A 629 -0.52 34.48 -5.41
CA ILE A 629 -1.20 33.34 -6.02
C ILE A 629 -2.21 32.71 -5.07
N ALA A 630 -3.45 32.58 -5.53
CA ALA A 630 -4.49 32.01 -4.67
C ALA A 630 -4.07 30.63 -4.18
N ASP A 631 -4.04 30.47 -2.86
CA ASP A 631 -3.77 29.20 -2.17
C ASP A 631 -2.38 28.63 -2.40
N ILE A 632 -1.44 29.49 -2.77
CA ILE A 632 -0.04 29.11 -2.93
C ILE A 632 0.81 30.21 -2.31
N THR A 633 1.47 29.91 -1.19
CA THR A 633 2.20 30.93 -0.44
C THR A 633 3.71 30.71 -0.52
N ILE A 634 4.14 29.56 -1.04
CA ILE A 634 5.56 29.36 -1.31
C ILE A 634 5.81 28.92 -2.75
N ILE A 635 7.04 29.12 -3.22
CA ILE A 635 7.46 28.64 -4.53
C ILE A 635 8.86 28.07 -4.42
N ILE A 636 9.09 26.90 -5.02
CA ILE A 636 10.44 26.34 -5.15
C ILE A 636 10.91 26.60 -6.58
N PRO A 637 11.78 27.60 -6.76
CA PRO A 637 12.05 28.10 -8.11
C PRO A 637 12.85 27.14 -8.97
N TYR A 638 13.68 26.30 -8.35
CA TYR A 638 14.54 25.46 -9.17
C TYR A 638 13.76 24.29 -9.81
N ILE A 639 12.52 24.09 -9.40
CA ILE A 639 11.67 23.08 -10.02
C ILE A 639 11.54 23.40 -11.51
N GLY A 640 11.57 24.68 -11.85
CA GLY A 640 11.55 25.10 -13.24
C GLY A 640 12.65 24.50 -14.09
N PRO A 641 13.91 24.85 -13.78
CA PRO A 641 14.99 24.26 -14.58
C PRO A 641 15.28 22.77 -14.26
N ALA A 642 14.68 22.22 -13.22
CA ALA A 642 15.01 20.83 -12.87
C ALA A 642 14.33 19.89 -13.83
N LEU A 643 13.12 20.28 -14.25
CA LEU A 643 12.26 19.40 -15.02
C LEU A 643 11.74 20.07 -16.29
N ASN A 644 12.24 21.27 -16.55
CA ASN A 644 11.75 22.12 -17.62
C ASN A 644 10.25 22.41 -17.52
N ILE A 645 9.76 22.64 -16.30
CA ILE A 645 8.32 22.87 -16.11
C ILE A 645 7.82 24.06 -16.90
N GLY A 646 6.74 23.86 -17.65
CA GLY A 646 6.15 24.92 -18.42
C GLY A 646 6.99 25.32 -19.62
N ASN A 647 8.01 24.52 -19.91
CA ASN A 647 8.92 24.77 -21.03
C ASN A 647 9.52 26.17 -20.94
N MET A 648 9.93 26.51 -19.73
CA MET A 648 10.66 27.74 -19.47
C MET A 648 11.91 27.37 -18.65
N LEU A 649 13.07 27.53 -19.27
CA LEU A 649 14.31 26.91 -18.79
C LEU A 649 14.96 27.58 -17.58
N TYR A 650 14.31 28.59 -17.02
CA TYR A 650 14.95 29.43 -16.02
C TYR A 650 14.12 29.54 -14.75
N LYS A 651 14.80 29.76 -13.63
CA LYS A 651 14.12 29.97 -12.36
C LYS A 651 13.17 31.17 -12.42
N ASP A 652 13.68 32.28 -12.96
CA ASP A 652 12.93 33.52 -13.06
C ASP A 652 11.71 33.34 -13.93
N ASP A 653 11.88 32.58 -15.01
CA ASP A 653 10.77 32.28 -15.89
C ASP A 653 9.72 31.49 -15.12
N PHE A 654 10.16 30.59 -14.25
CA PHE A 654 9.23 29.70 -13.56
C PHE A 654 8.42 30.43 -12.50
N VAL A 655 9.12 31.17 -11.65
CA VAL A 655 8.47 31.97 -10.61
C VAL A 655 7.38 32.89 -11.18
N GLY A 656 7.75 33.66 -12.20
CA GLY A 656 6.81 34.54 -12.87
C GLY A 656 5.69 33.81 -13.59
N ALA A 657 5.99 32.66 -14.19
CA ALA A 657 4.96 31.92 -14.91
C ALA A 657 3.94 31.36 -13.95
N LEU A 658 4.40 31.01 -12.75
CA LEU A 658 3.51 30.48 -11.73
C LEU A 658 2.54 31.56 -11.26
N ILE A 659 3.08 32.74 -10.97
CA ILE A 659 2.28 33.88 -10.52
C ILE A 659 1.31 34.32 -11.62
N PHE A 660 1.74 34.21 -12.88
CA PHE A 660 0.87 34.59 -13.97
C PHE A 660 -0.26 33.58 -14.22
N SER A 661 0.09 32.33 -14.49
CA SER A 661 -0.89 31.33 -14.96
C SER A 661 -1.43 30.44 -13.84
N GLY A 662 -0.80 30.49 -12.67
CA GLY A 662 -1.21 29.64 -11.58
C GLY A 662 -0.76 28.19 -11.74
N ALA A 663 -1.33 27.32 -10.93
CA ALA A 663 -0.88 25.93 -10.82
C ALA A 663 -0.97 25.12 -12.13
N VAL A 664 -1.65 25.65 -13.13
CA VAL A 664 -1.80 24.91 -14.39
C VAL A 664 -0.47 24.61 -15.11
N ILE A 665 0.53 25.49 -14.99
CA ILE A 665 1.80 25.32 -15.72
C ILE A 665 2.53 24.03 -15.31
N LEU A 666 2.19 23.50 -14.15
CA LEU A 666 2.77 22.23 -13.70
C LEU A 666 2.19 21.04 -14.47
N LEU A 667 0.97 21.19 -14.98
CA LEU A 667 0.24 20.05 -15.51
C LEU A 667 0.72 19.61 -16.89
N GLU A 668 0.87 18.30 -17.03
CA GLU A 668 1.18 17.64 -18.28
C GLU A 668 -0.05 17.70 -19.20
N PHE A 669 -1.23 17.59 -18.61
CA PHE A 669 -2.46 17.77 -19.37
C PHE A 669 -3.54 18.49 -18.55
N ILE A 670 -4.36 19.27 -19.25
CA ILE A 670 -5.45 19.96 -18.59
C ILE A 670 -6.64 19.02 -18.55
N PRO A 671 -7.15 18.77 -17.34
CA PRO A 671 -8.26 17.83 -17.17
C PRO A 671 -9.54 18.38 -17.75
N GLU A 672 -10.35 17.49 -18.29
CA GLU A 672 -11.71 17.84 -18.61
C GLU A 672 -12.51 17.76 -17.32
N ILE A 673 -13.22 18.82 -16.99
CA ILE A 673 -14.11 18.75 -15.86
C ILE A 673 -15.50 19.19 -16.31
N ALA A 674 -16.35 18.19 -16.54
CA ALA A 674 -17.65 18.40 -17.17
C ALA A 674 -18.79 18.37 -16.17
N ILE A 675 -19.24 19.54 -15.75
CA ILE A 675 -20.46 19.63 -14.96
C ILE A 675 -21.56 20.23 -15.83
N PRO A 676 -22.57 19.42 -16.17
CA PRO A 676 -23.67 19.81 -17.04
C PRO A 676 -24.67 20.68 -16.32
N VAL A 677 -25.66 21.20 -17.02
CA VAL A 677 -26.78 21.85 -16.36
C VAL A 677 -27.38 20.83 -15.43
N LEU A 678 -27.60 21.22 -14.18
CA LEU A 678 -28.10 20.28 -13.19
C LEU A 678 -29.60 20.04 -13.38
N GLY A 679 -30.01 18.79 -13.20
CA GLY A 679 -31.40 18.40 -13.40
C GLY A 679 -32.32 19.18 -12.48
N THR A 680 -33.53 19.43 -12.94
CA THR A 680 -34.45 20.27 -12.18
C THR A 680 -35.30 19.42 -11.22
N PHE A 681 -35.66 20.01 -10.08
CA PHE A 681 -36.54 19.32 -9.13
C PHE A 681 -37.98 19.53 -9.54
N ALA A 682 -38.68 18.43 -9.77
CA ALA A 682 -40.13 18.43 -9.92
C ALA A 682 -40.78 18.13 -8.57
N LEU A 683 -41.55 19.08 -8.06
CA LEU A 683 -42.21 18.92 -6.78
C LEU A 683 -43.60 18.32 -6.95
N VAL A 684 -43.93 17.32 -6.13
CA VAL A 684 -45.28 16.76 -6.16
C VAL A 684 -46.19 17.61 -5.29
N SER A 685 -47.39 17.89 -5.80
CA SER A 685 -48.37 18.63 -5.03
C SER A 685 -49.33 17.69 -4.33
N TYR A 686 -49.54 17.98 -3.07
CA TYR A 686 -50.55 17.32 -2.29
C TYR A 686 -51.47 18.50 -1.98
N ILE A 687 -52.62 18.56 -2.64
CA ILE A 687 -53.48 19.75 -2.60
C ILE A 687 -54.54 19.64 -1.49
N ALA A 688 -54.47 18.59 -0.67
CA ALA A 688 -55.46 18.37 0.37
C ALA A 688 -54.84 18.15 1.75
N ASN A 689 -53.55 18.50 1.90
CA ASN A 689 -52.76 18.10 3.06
C ASN A 689 -51.60 19.03 3.38
N LYS A 690 -51.73 19.81 4.45
CA LYS A 690 -50.73 20.81 4.82
C LYS A 690 -49.36 20.21 5.10
N VAL A 691 -49.34 19.18 5.94
CA VAL A 691 -48.08 18.60 6.40
C VAL A 691 -47.24 18.09 5.22
N LEU A 692 -47.87 17.30 4.37
CA LEU A 692 -47.17 16.74 3.22
C LEU A 692 -46.61 17.83 2.29
N THR A 693 -47.38 18.89 2.06
CA THR A 693 -46.91 19.98 1.22
C THR A 693 -45.65 20.61 1.83
N VAL A 694 -45.68 20.82 3.14
CA VAL A 694 -44.54 21.42 3.85
C VAL A 694 -43.34 20.48 3.86
N GLN A 695 -43.58 19.20 4.10
CA GLN A 695 -42.50 18.21 4.06
C GLN A 695 -41.84 18.18 2.70
N THR A 696 -42.64 18.28 1.65
CA THR A 696 -42.14 18.30 0.28
C THR A 696 -41.19 19.47 0.05
N ILE A 697 -41.55 20.64 0.59
CA ILE A 697 -40.69 21.81 0.47
C ILE A 697 -39.38 21.60 1.25
N ASP A 698 -39.47 21.12 2.49
CA ASP A 698 -38.27 20.79 3.27
C ASP A 698 -37.37 19.75 2.56
N ASN A 699 -38.00 18.76 1.94
CA ASN A 699 -37.26 17.71 1.24
C ASN A 699 -36.48 18.28 0.08
N ALA A 700 -37.09 19.22 -0.63
CA ALA A 700 -36.45 19.86 -1.76
C ALA A 700 -35.20 20.57 -1.29
N LEU A 701 -35.32 21.27 -0.16
CA LEU A 701 -34.16 21.94 0.42
C LEU A 701 -33.08 20.94 0.80
N SER A 702 -33.47 19.83 1.43
CA SER A 702 -32.49 18.83 1.86
C SER A 702 -31.79 18.18 0.66
N LYS A 703 -32.56 17.89 -0.38
CA LYS A 703 -32.02 17.28 -1.59
C LYS A 703 -31.07 18.25 -2.29
N ARG A 704 -31.38 19.54 -2.20
CA ARG A 704 -30.49 20.57 -2.73
C ARG A 704 -29.15 20.56 -2.01
N ASN A 705 -29.19 20.49 -0.69
CA ASN A 705 -27.96 20.34 0.08
C ASN A 705 -27.19 19.10 -0.37
N GLU A 706 -27.88 18.00 -0.62
CA GLU A 706 -27.20 16.80 -1.12
C GLU A 706 -26.54 17.04 -2.49
N LYS A 707 -27.20 17.84 -3.34
CA LYS A 707 -26.71 18.12 -4.69
C LYS A 707 -25.34 18.82 -4.69
N TRP A 708 -25.20 19.84 -3.85
CA TRP A 708 -23.90 20.49 -3.65
C TRP A 708 -22.84 19.46 -3.24
N ASP A 709 -23.18 18.64 -2.25
CA ASP A 709 -22.30 17.60 -1.75
C ASP A 709 -21.87 16.64 -2.87
N GLU A 710 -22.84 16.12 -3.62
CA GLU A 710 -22.58 15.24 -4.76
C GLU A 710 -21.68 15.89 -5.81
N VAL A 711 -21.97 17.14 -6.16
CA VAL A 711 -21.17 17.86 -7.14
C VAL A 711 -19.75 18.01 -6.63
N TYR A 712 -19.60 18.47 -5.40
CA TYR A 712 -18.28 18.58 -4.80
C TYR A 712 -17.53 17.22 -4.78
N LYS A 713 -18.23 16.17 -4.37
CA LYS A 713 -17.64 14.83 -4.27
C LYS A 713 -17.18 14.31 -5.64
N TYR A 714 -17.99 14.59 -6.66
CA TYR A 714 -17.63 14.22 -8.03
C TYR A 714 -16.37 14.96 -8.49
N ILE A 715 -16.30 16.24 -8.18
CA ILE A 715 -15.15 17.04 -8.61
C ILE A 715 -13.89 16.59 -7.88
N VAL A 716 -14.01 16.27 -6.60
CA VAL A 716 -12.88 15.73 -5.85
C VAL A 716 -12.35 14.45 -6.51
N THR A 717 -13.26 13.51 -6.81
CA THR A 717 -12.90 12.29 -7.52
C THR A 717 -12.13 12.61 -8.80
N ASN A 718 -12.63 13.58 -9.57
CA ASN A 718 -12.01 13.93 -10.84
C ASN A 718 -10.63 14.53 -10.61
N TRP A 719 -10.53 15.43 -9.63
CA TRP A 719 -9.27 16.05 -9.22
C TRP A 719 -8.22 15.01 -8.78
N LEU A 720 -8.59 14.13 -7.87
CA LEU A 720 -7.68 13.08 -7.39
C LEU A 720 -7.09 12.23 -8.52
N ALA A 721 -7.94 11.80 -9.44
CA ALA A 721 -7.52 10.88 -10.48
C ALA A 721 -6.78 11.58 -11.63
N LYS A 722 -7.17 12.82 -11.93
CA LYS A 722 -6.66 13.51 -13.12
C LYS A 722 -5.60 14.57 -12.85
N VAL A 723 -5.66 15.23 -11.68
CA VAL A 723 -4.75 16.34 -11.40
C VAL A 723 -3.73 15.96 -10.33
N ASN A 724 -4.23 15.44 -9.22
CA ASN A 724 -3.37 15.14 -8.09
C ASN A 724 -2.34 14.04 -8.42
N THR A 725 -2.68 13.18 -9.38
CA THR A 725 -1.79 12.11 -9.77
C THR A 725 -0.63 12.70 -10.56
N GLN A 726 -0.92 13.76 -11.30
CA GLN A 726 0.12 14.46 -12.07
C GLN A 726 1.15 15.10 -11.15
N ILE A 727 0.67 15.86 -10.16
CA ILE A 727 1.54 16.50 -9.18
C ILE A 727 2.34 15.46 -8.39
N ASP A 728 1.70 14.33 -8.06
CA ASP A 728 2.38 13.22 -7.39
C ASP A 728 3.60 12.75 -8.16
N LEU A 729 3.45 12.54 -9.47
CA LEU A 729 4.57 12.08 -10.29
C LEU A 729 5.66 13.15 -10.37
N ILE A 730 5.28 14.42 -10.47
CA ILE A 730 6.27 15.51 -10.51
C ILE A 730 7.06 15.53 -9.21
N ARG A 731 6.38 15.23 -8.12
CA ARG A 731 7.03 15.10 -6.84
C ARG A 731 8.04 13.96 -6.81
N LYS A 732 7.64 12.80 -7.32
CA LYS A 732 8.54 11.65 -7.41
C LYS A 732 9.77 11.99 -8.26
N LYS A 733 9.54 12.67 -9.36
CA LYS A 733 10.61 13.05 -10.27
C LYS A 733 11.50 14.16 -9.70
N MET A 734 10.93 15.05 -8.89
CA MET A 734 11.78 16.01 -8.19
C MET A 734 12.72 15.26 -7.25
N LYS A 735 12.22 14.22 -6.59
CA LYS A 735 13.11 13.45 -5.72
C LYS A 735 14.21 12.74 -6.54
N GLU A 736 13.84 12.17 -7.69
CA GLU A 736 14.83 11.50 -8.53
C GLU A 736 15.89 12.49 -8.99
N ALA A 737 15.47 13.71 -9.32
CA ALA A 737 16.41 14.75 -9.75
C ALA A 737 17.41 15.07 -8.65
N LEU A 738 16.91 15.24 -7.43
CA LEU A 738 17.76 15.56 -6.30
C LEU A 738 18.75 14.43 -6.03
N GLU A 739 18.27 13.18 -6.09
CA GLU A 739 19.15 12.02 -5.90
C GLU A 739 20.22 12.02 -6.98
N ASN A 740 19.81 12.29 -8.22
CA ASN A 740 20.73 12.34 -9.35
C ASN A 740 21.82 13.37 -9.12
N GLN A 741 21.43 14.53 -8.60
CA GLN A 741 22.41 15.56 -8.30
C GLN A 741 23.37 15.12 -7.20
N ALA A 742 22.85 14.47 -6.17
CA ALA A 742 23.72 13.96 -5.09
C ALA A 742 24.71 12.92 -5.62
N GLU A 743 24.23 11.98 -6.42
CA GLU A 743 25.07 10.89 -6.91
C GLU A 743 26.19 11.46 -7.78
N ALA A 744 25.86 12.45 -8.61
CA ALA A 744 26.85 13.03 -9.51
C ALA A 744 27.92 13.78 -8.72
N THR A 745 27.47 14.58 -7.76
CA THR A 745 28.38 15.31 -6.89
C THR A 745 29.28 14.32 -6.12
N LYS A 746 28.68 13.27 -5.56
CA LYS A 746 29.44 12.19 -4.93
C LYS A 746 30.50 11.59 -5.85
N ALA A 747 30.11 11.24 -7.08
CA ALA A 747 31.03 10.58 -8.00
C ALA A 747 32.22 11.45 -8.30
N ILE A 748 31.97 12.75 -8.45
CA ILE A 748 33.05 13.70 -8.74
C ILE A 748 33.97 13.89 -7.55
N ILE A 749 33.39 14.15 -6.37
CA ILE A 749 34.19 14.31 -5.17
C ILE A 749 35.08 13.07 -4.98
N ASN A 750 34.50 11.89 -5.17
CA ASN A 750 35.20 10.63 -5.02
C ASN A 750 36.32 10.44 -6.06
N TYR A 751 36.04 10.78 -7.32
CA TYR A 751 37.06 10.74 -8.35
C TYR A 751 38.25 11.61 -7.96
N GLN A 752 37.96 12.81 -7.44
CA GLN A 752 39.02 13.74 -7.09
C GLN A 752 39.88 13.20 -5.95
N TYR A 753 39.24 12.49 -5.01
CA TYR A 753 39.94 11.91 -3.87
C TYR A 753 40.94 10.86 -4.32
N ASN A 754 40.49 9.97 -5.19
CA ASN A 754 41.31 8.86 -5.65
C ASN A 754 42.41 9.28 -6.64
N GLN A 755 42.59 10.59 -6.80
CA GLN A 755 43.69 11.12 -7.60
C GLN A 755 44.88 11.47 -6.69
N TYR A 756 44.67 11.32 -5.38
CA TYR A 756 45.70 11.69 -4.42
C TYR A 756 46.66 10.53 -4.14
N THR A 757 47.78 10.85 -3.48
CA THR A 757 48.75 9.83 -3.08
C THR A 757 48.17 9.05 -1.91
N GLU A 758 48.57 7.78 -1.78
CA GLU A 758 48.04 6.94 -0.72
C GLU A 758 48.79 7.23 0.55
N GLU A 759 49.17 8.49 0.68
CA GLU A 759 49.80 9.07 1.85
C GLU A 759 49.01 10.32 2.19
N GLU A 760 48.59 11.03 1.14
CA GLU A 760 47.61 12.09 1.32
C GLU A 760 46.28 11.46 1.79
N LYS A 761 45.92 10.33 1.17
CA LYS A 761 44.67 9.66 1.49
C LYS A 761 44.66 9.12 2.92
N ASN A 762 45.80 8.64 3.40
CA ASN A 762 45.84 8.11 4.75
C ASN A 762 45.66 9.22 5.80
N ASN A 763 46.12 10.43 5.48
CA ASN A 763 45.96 11.57 6.36
C ASN A 763 44.52 12.07 6.32
N ILE A 764 44.04 12.29 5.10
CA ILE A 764 42.63 12.60 4.85
C ILE A 764 41.83 11.34 4.98
N ASN A 765 41.45 10.99 6.18
CA ASN A 765 40.80 9.72 6.37
C ASN A 765 39.36 9.79 5.84
N PHE A 766 39.19 10.04 4.53
CA PHE A 766 37.88 10.38 3.96
C PHE A 766 36.85 9.25 4.02
N ASN A 767 35.64 9.60 4.41
CA ASN A 767 34.55 8.63 4.54
C ASN A 767 33.35 9.06 3.71
N ILE A 768 33.22 8.49 2.51
CA ILE A 768 32.15 8.86 1.60
C ILE A 768 30.75 8.59 2.19
N ASP A 769 30.66 7.67 3.15
CA ASP A 769 29.41 7.46 3.88
C ASP A 769 28.94 8.73 4.60
N ASP A 770 29.86 9.50 5.17
CA ASP A 770 29.49 10.75 5.81
C ASP A 770 28.92 11.70 4.77
N LEU A 771 29.54 11.72 3.60
CA LEU A 771 29.10 12.61 2.54
C LEU A 771 27.70 12.23 2.07
N SER A 772 27.47 10.93 1.85
CA SER A 772 26.16 10.48 1.41
C SER A 772 25.09 10.82 2.44
N SER A 773 25.42 10.68 3.71
CA SER A 773 24.43 10.89 4.76
C SER A 773 24.00 12.35 4.81
N LYS A 774 24.98 13.26 4.69
CA LYS A 774 24.69 14.68 4.68
C LYS A 774 23.83 15.09 3.48
N LEU A 775 24.16 14.56 2.31
CA LEU A 775 23.44 14.93 1.10
C LEU A 775 22.01 14.39 1.17
N ASN A 776 21.83 13.20 1.73
CA ASN A 776 20.51 12.63 1.93
C ASN A 776 19.67 13.49 2.85
N GLU A 777 20.30 13.99 3.90
CA GLU A 777 19.63 14.89 4.84
C GLU A 777 19.20 16.15 4.13
N SER A 778 20.06 16.71 3.29
CA SER A 778 19.70 17.91 2.56
C SER A 778 18.61 17.61 1.52
N ILE A 779 18.64 16.40 0.95
CA ILE A 779 17.58 16.01 0.03
C ILE A 779 16.24 15.91 0.77
N ASN A 780 16.25 15.36 1.97
CA ASN A 780 15.03 15.28 2.76
C ASN A 780 14.47 16.68 3.07
N LYS A 781 15.33 17.60 3.50
CA LYS A 781 14.88 18.96 3.78
C LYS A 781 14.30 19.63 2.54
N ALA A 782 14.94 19.41 1.39
CA ALA A 782 14.41 19.94 0.14
C ALA A 782 13.02 19.36 -0.14
N MET A 783 12.86 18.07 0.10
CA MET A 783 11.61 17.41 -0.25
C MET A 783 10.48 17.87 0.65
N ILE A 784 10.82 18.25 1.89
CA ILE A 784 9.82 18.85 2.79
C ILE A 784 9.20 20.08 2.15
N ASN A 785 10.05 20.98 1.65
CA ASN A 785 9.59 22.19 0.99
C ASN A 785 8.87 21.86 -0.31
N ILE A 786 9.47 20.97 -1.10
CA ILE A 786 8.87 20.61 -2.38
C ILE A 786 7.48 20.02 -2.15
N ASN A 787 7.35 19.13 -1.18
CA ASN A 787 6.03 18.52 -0.89
C ASN A 787 4.99 19.54 -0.43
N LYS A 788 5.40 20.49 0.39
CA LYS A 788 4.47 21.51 0.85
C LYS A 788 4.03 22.33 -0.35
N PHE A 789 4.99 22.71 -1.18
CA PHE A 789 4.72 23.50 -2.37
C PHE A 789 3.76 22.76 -3.32
N LEU A 790 4.09 21.51 -3.65
CA LEU A 790 3.30 20.77 -4.61
C LEU A 790 1.92 20.44 -4.02
N ASN A 791 1.84 20.26 -2.71
CA ASN A 791 0.55 20.13 -2.05
C ASN A 791 -0.32 21.36 -2.29
N GLN A 792 0.26 22.54 -2.09
CA GLN A 792 -0.44 23.80 -2.31
C GLN A 792 -0.91 23.91 -3.76
N CYS A 793 -0.05 23.54 -4.70
CA CYS A 793 -0.39 23.65 -6.10
C CYS A 793 -1.60 22.76 -6.41
N SER A 794 -1.56 21.52 -5.93
CA SER A 794 -2.65 20.58 -6.16
C SER A 794 -4.00 21.13 -5.68
N VAL A 795 -4.05 21.55 -4.41
CA VAL A 795 -5.26 22.10 -3.81
C VAL A 795 -5.70 23.40 -4.47
N SER A 796 -4.73 24.27 -4.77
CA SER A 796 -5.03 25.51 -5.48
C SER A 796 -5.68 25.23 -6.83
N TYR A 797 -5.21 24.21 -7.55
CA TYR A 797 -5.82 23.93 -8.84
C TYR A 797 -7.26 23.48 -8.60
N LEU A 798 -7.45 22.55 -7.66
CA LEU A 798 -8.79 22.14 -7.24
C LEU A 798 -9.66 23.36 -6.98
N MET A 799 -9.19 24.25 -6.12
CA MET A 799 -10.00 25.36 -5.62
C MET A 799 -10.32 26.40 -6.66
N ASN A 800 -9.37 26.68 -7.55
CA ASN A 800 -9.50 27.80 -8.46
C ASN A 800 -9.80 27.41 -9.90
N SER A 801 -9.59 26.14 -10.24
CA SER A 801 -9.72 25.76 -11.62
C SER A 801 -10.71 24.61 -11.82
N MET A 802 -11.17 23.99 -10.75
CA MET A 802 -12.11 22.87 -10.91
C MET A 802 -13.42 23.17 -10.20
N ILE A 803 -13.35 23.45 -8.92
CA ILE A 803 -14.53 23.72 -8.12
C ILE A 803 -15.43 24.86 -8.64
N PRO A 804 -14.84 25.96 -9.18
CA PRO A 804 -15.75 27.02 -9.62
C PRO A 804 -16.73 26.60 -10.70
N TYR A 805 -16.34 25.69 -11.61
CA TYR A 805 -17.29 25.19 -12.59
C TYR A 805 -18.47 24.56 -11.86
N GLY A 806 -18.18 23.84 -10.80
CA GLY A 806 -19.21 23.21 -9.98
C GLY A 806 -20.14 24.21 -9.31
N VAL A 807 -19.57 25.21 -8.63
CA VAL A 807 -20.39 26.15 -7.88
C VAL A 807 -21.26 26.99 -8.81
N LYS A 808 -20.74 27.34 -10.00
CA LYS A 808 -21.57 28.06 -10.95
C LYS A 808 -22.79 27.25 -11.32
N ARG A 809 -22.57 25.98 -11.62
CA ARG A 809 -23.69 25.09 -11.92
C ARG A 809 -24.62 24.94 -10.72
N LEU A 810 -24.04 24.92 -9.52
CA LEU A 810 -24.83 24.78 -8.30
C LEU A 810 -25.64 26.06 -7.99
N GLU A 811 -25.08 27.22 -8.34
CA GLU A 811 -25.78 28.49 -8.15
C GLU A 811 -26.91 28.66 -9.18
N ASP A 812 -26.66 28.31 -10.44
CA ASP A 812 -27.75 28.21 -11.43
C ASP A 812 -28.87 27.33 -10.90
N PHE A 813 -28.50 26.18 -10.34
CA PHE A 813 -29.49 25.23 -9.86
C PHE A 813 -30.26 25.83 -8.68
N ASP A 814 -29.53 26.47 -7.78
CA ASP A 814 -30.15 27.14 -6.63
C ASP A 814 -31.18 28.17 -7.09
N ALA A 815 -30.78 29.00 -8.05
CA ALA A 815 -31.63 30.06 -8.55
C ALA A 815 -32.90 29.46 -9.14
N SER A 816 -32.71 28.46 -10.00
CA SER A 816 -33.82 27.78 -10.64
C SER A 816 -34.75 27.16 -9.59
N LEU A 817 -34.16 26.50 -8.60
CA LEU A 817 -34.92 25.85 -7.53
C LEU A 817 -35.67 26.87 -6.69
N LYS A 818 -35.04 28.02 -6.45
CA LYS A 818 -35.67 29.08 -5.69
C LYS A 818 -36.95 29.51 -6.38
N ASP A 819 -36.89 29.73 -7.69
CA ASP A 819 -38.08 30.10 -8.45
C ASP A 819 -39.16 29.03 -8.37
N ALA A 820 -38.77 27.77 -8.51
CA ALA A 820 -39.71 26.66 -8.46
C ALA A 820 -40.42 26.56 -7.10
N LEU A 821 -39.65 26.69 -6.02
CA LEU A 821 -40.20 26.55 -4.68
C LEU A 821 -41.11 27.73 -4.32
N LEU A 822 -40.73 28.93 -4.75
CA LEU A 822 -41.56 30.09 -4.50
C LEU A 822 -42.84 29.99 -5.29
N LYS A 823 -42.77 29.44 -6.50
CA LYS A 823 -43.97 29.19 -7.28
C LYS A 823 -44.84 28.13 -6.60
N TYR A 824 -44.19 27.09 -6.08
CA TYR A 824 -44.90 25.98 -5.47
C TYR A 824 -45.71 26.49 -4.27
N ILE A 825 -45.09 27.33 -3.46
CA ILE A 825 -45.73 27.95 -2.31
C ILE A 825 -46.94 28.79 -2.73
N TYR A 826 -46.77 29.62 -3.75
CA TYR A 826 -47.89 30.40 -4.29
C TYR A 826 -49.02 29.51 -4.81
N ASP A 827 -48.69 28.49 -5.59
CA ASP A 827 -49.72 27.63 -6.16
C ASP A 827 -50.45 26.84 -5.07
N ASN A 828 -49.80 26.69 -3.92
CA ASN A 828 -50.40 26.00 -2.79
C ASN A 828 -50.65 26.91 -1.59
N ARG A 829 -50.78 28.21 -1.84
CA ARG A 829 -50.98 29.17 -0.76
C ARG A 829 -52.27 28.84 0.00
N GLY A 830 -53.27 28.35 -0.72
CA GLY A 830 -54.52 27.92 -0.11
C GLY A 830 -54.25 26.84 0.92
N THR A 831 -53.55 25.80 0.50
CA THR A 831 -53.19 24.70 1.39
C THR A 831 -52.22 25.15 2.50
N LEU A 832 -51.36 26.11 2.18
CA LEU A 832 -50.31 26.53 3.10
C LEU A 832 -50.76 27.65 4.02
N ILE A 833 -52.08 27.85 4.10
CA ILE A 833 -52.67 28.88 4.97
C ILE A 833 -52.03 28.85 6.35
N GLY A 834 -51.43 29.99 6.72
CA GLY A 834 -50.78 30.13 8.00
C GLY A 834 -49.27 30.20 7.89
N GLN A 835 -48.73 29.64 6.81
CA GLN A 835 -47.29 29.40 6.74
C GLN A 835 -46.56 30.03 5.56
N VAL A 836 -47.28 30.71 4.69
CA VAL A 836 -46.71 31.14 3.42
C VAL A 836 -45.44 31.94 3.63
N ASP A 837 -45.48 32.88 4.55
CA ASP A 837 -44.36 33.79 4.77
C ASP A 837 -43.16 33.11 5.45
N ARG A 838 -43.39 32.19 6.38
CA ARG A 838 -42.29 31.45 6.98
C ARG A 838 -41.57 30.60 5.94
N LEU A 839 -42.34 29.96 5.06
CA LEU A 839 -41.76 29.06 4.08
C LEU A 839 -40.96 29.84 3.03
N LYS A 840 -41.42 31.06 2.71
CA LYS A 840 -40.68 31.94 1.80
C LYS A 840 -39.30 32.28 2.34
N ASP A 841 -39.25 32.74 3.58
CA ASP A 841 -37.99 33.03 4.28
C ASP A 841 -37.05 31.84 4.28
N LYS A 842 -37.57 30.69 4.68
CA LYS A 842 -36.80 29.45 4.68
C LYS A 842 -36.19 29.22 3.31
N VAL A 843 -37.03 29.25 2.28
CA VAL A 843 -36.55 29.03 0.91
C VAL A 843 -35.58 30.11 0.45
N ASN A 844 -35.92 31.37 0.68
CA ASN A 844 -35.03 32.47 0.30
C ASN A 844 -33.69 32.42 1.05
N ASN A 845 -33.73 32.29 2.38
CA ASN A 845 -32.49 32.21 3.16
C ASN A 845 -31.59 31.05 2.75
N THR A 846 -32.19 29.88 2.58
CA THR A 846 -31.42 28.66 2.32
C THR A 846 -30.73 28.73 0.97
N LEU A 847 -31.44 29.23 -0.03
CA LEU A 847 -30.93 29.23 -1.39
C LEU A 847 -30.20 30.52 -1.82
N SER A 848 -29.94 31.40 -0.86
CA SER A 848 -29.26 32.67 -1.14
C SER A 848 -27.75 32.54 -1.06
N THR A 849 -27.29 31.70 -0.15
CA THR A 849 -25.87 31.59 0.10
C THR A 849 -25.35 30.19 -0.17
N ASP A 850 -24.17 30.13 -0.77
CA ASP A 850 -23.53 28.88 -1.11
C ASP A 850 -23.30 27.97 0.09
N ILE A 851 -23.26 26.67 -0.19
CA ILE A 851 -22.77 25.69 0.75
C ILE A 851 -21.25 25.65 0.57
N PRO A 852 -20.51 26.08 1.61
CA PRO A 852 -19.05 26.14 1.47
C PRO A 852 -18.46 24.76 1.26
N PHE A 853 -17.43 24.69 0.42
CA PHE A 853 -16.69 23.47 0.19
C PHE A 853 -15.71 23.24 1.32
N GLN A 854 -15.85 22.12 2.03
CA GLN A 854 -14.84 21.71 3.01
C GLN A 854 -14.17 20.44 2.51
N LEU A 855 -12.90 20.56 2.15
CA LEU A 855 -12.13 19.44 1.62
C LEU A 855 -12.15 18.24 2.58
N SER A 856 -12.05 18.50 3.88
CA SER A 856 -11.99 17.43 4.87
C SER A 856 -13.23 16.54 4.86
N LYS A 857 -14.29 17.01 4.24
CA LYS A 857 -15.51 16.22 4.14
C LYS A 857 -15.37 15.13 3.08
N TYR A 858 -14.40 15.30 2.18
CA TYR A 858 -14.32 14.44 1.01
C TYR A 858 -13.03 13.64 0.97
N VAL A 859 -12.02 14.08 1.70
CA VAL A 859 -10.83 13.26 1.81
C VAL A 859 -10.22 13.30 3.22
N ASP A 860 -9.68 12.17 3.65
CA ASP A 860 -9.02 12.10 4.95
C ASP A 860 -7.53 11.87 4.74
N ASN A 861 -6.88 12.87 4.18
CA ASN A 861 -5.45 12.91 4.07
C ASN A 861 -5.05 14.12 4.88
N GLN A 862 -4.48 13.90 6.07
CA GLN A 862 -4.13 15.02 6.98
C GLN A 862 -3.08 15.95 6.36
N ARG A 863 -2.60 15.54 5.19
CA ARG A 863 -1.60 16.24 4.39
C ARG A 863 -2.25 17.31 3.50
N LEU A 864 -3.13 16.88 2.60
CA LEU A 864 -3.90 17.78 1.72
C LEU A 864 -4.95 18.58 2.51
N LEU A 865 -5.31 18.07 3.68
CA LEU A 865 -6.24 18.76 4.59
C LEU A 865 -5.58 19.96 5.26
N SER A 866 -4.34 19.76 5.72
CA SER A 866 -3.61 20.82 6.40
C SER A 866 -3.20 21.94 5.44
N THR A 867 -3.22 21.66 4.14
CA THR A 867 -3.01 22.67 3.11
C THR A 867 -4.24 23.56 2.97
N PHE A 868 -5.41 22.91 2.89
CA PHE A 868 -6.71 23.57 2.74
C PHE A 868 -7.01 24.55 3.87
N GLN B 3 -45.21 3.78 -9.43
CA GLN B 3 -44.40 2.69 -8.86
C GLN B 3 -43.69 1.90 -9.97
N VAL B 4 -42.76 1.03 -9.58
CA VAL B 4 -41.85 0.41 -10.55
C VAL B 4 -42.38 -0.87 -11.19
N GLN B 5 -42.47 -0.88 -12.51
CA GLN B 5 -42.95 -2.02 -13.26
C GLN B 5 -41.97 -2.40 -14.37
N LEU B 6 -41.72 -3.70 -14.49
CA LEU B 6 -40.92 -4.24 -15.57
C LEU B 6 -41.80 -5.10 -16.46
N VAL B 7 -41.97 -4.69 -17.71
CA VAL B 7 -42.84 -5.41 -18.64
C VAL B 7 -42.03 -6.09 -19.73
N GLU B 8 -42.03 -7.42 -19.74
CA GLU B 8 -41.30 -8.16 -20.75
C GLU B 8 -42.14 -8.37 -22.02
N SER B 9 -41.49 -8.57 -23.16
CA SER B 9 -42.17 -9.04 -24.37
C SER B 9 -41.23 -9.93 -25.20
N GLY B 10 -41.80 -10.67 -26.15
CA GLY B 10 -41.04 -11.67 -26.89
C GLY B 10 -41.22 -13.04 -26.27
N GLY B 11 -40.48 -14.04 -26.74
CA GLY B 11 -40.53 -15.36 -26.13
C GLY B 11 -41.00 -16.50 -27.03
N GLY B 12 -40.38 -17.68 -26.83
CA GLY B 12 -40.61 -18.90 -27.61
C GLY B 12 -42.05 -19.35 -27.62
N LEU B 13 -42.44 -20.33 -28.46
CA LEU B 13 -41.63 -21.34 -29.15
C LEU B 13 -40.47 -20.91 -30.07
N VAL B 14 -39.41 -21.73 -30.10
CA VAL B 14 -38.26 -21.46 -30.96
C VAL B 14 -37.56 -22.77 -31.30
N GLN B 15 -37.13 -22.90 -32.54
CA GLN B 15 -36.50 -24.13 -33.03
C GLN B 15 -35.07 -24.25 -32.53
N VAL B 16 -34.64 -25.46 -32.16
CA VAL B 16 -33.28 -25.70 -31.73
C VAL B 16 -32.29 -25.11 -32.75
N GLY B 17 -31.33 -24.35 -32.24
CA GLY B 17 -30.36 -23.71 -33.10
C GLY B 17 -30.82 -22.32 -33.50
N GLY B 18 -32.05 -21.98 -33.13
CA GLY B 18 -32.67 -20.75 -33.57
C GLY B 18 -32.28 -19.52 -32.77
N SER B 19 -32.78 -18.37 -33.20
CA SER B 19 -32.55 -17.13 -32.47
C SER B 19 -33.87 -16.53 -32.05
N LEU B 20 -33.78 -15.62 -31.09
CA LEU B 20 -34.94 -15.06 -30.40
C LEU B 20 -34.45 -13.86 -29.58
N ARG B 21 -35.26 -12.82 -29.45
CA ARG B 21 -34.95 -11.73 -28.53
C ARG B 21 -36.04 -11.46 -27.51
N LEU B 22 -35.65 -11.35 -26.23
CA LEU B 22 -36.60 -10.89 -25.22
C LEU B 22 -36.34 -9.42 -24.91
N SER B 23 -37.41 -8.71 -24.61
CA SER B 23 -37.32 -7.29 -24.35
C SER B 23 -38.01 -7.01 -23.05
N CYS B 24 -37.70 -5.86 -22.49
CA CYS B 24 -38.31 -5.44 -21.23
C CYS B 24 -38.21 -3.95 -21.14
N VAL B 25 -39.31 -3.30 -20.79
CA VAL B 25 -39.30 -1.87 -20.60
C VAL B 25 -39.66 -1.57 -19.15
N VAL B 26 -38.90 -0.66 -18.55
CA VAL B 26 -39.09 -0.29 -17.15
C VAL B 26 -39.87 1.00 -17.09
N SER B 27 -40.84 1.04 -16.21
CA SER B 27 -41.59 2.28 -15.99
C SER B 27 -41.60 2.61 -14.50
N GLY B 28 -41.63 3.91 -14.19
CA GLY B 28 -41.68 4.34 -12.81
C GLY B 28 -40.32 4.52 -12.15
N SER B 29 -39.26 4.44 -12.95
CA SER B 29 -37.89 4.69 -12.48
C SER B 29 -36.96 4.91 -13.66
N ASP B 30 -35.73 5.37 -13.41
CA ASP B 30 -34.88 5.88 -14.50
C ASP B 30 -33.79 4.97 -15.07
N ILE B 31 -33.53 3.82 -14.45
CA ILE B 31 -32.62 2.80 -15.02
C ILE B 31 -31.14 3.21 -14.97
N SER B 32 -30.87 4.44 -15.39
CA SER B 32 -29.55 5.04 -15.28
C SER B 32 -28.92 4.87 -13.89
N GLY B 33 -27.71 4.32 -13.85
CA GLY B 33 -26.98 4.09 -12.61
C GLY B 33 -27.36 2.81 -11.90
N ILE B 34 -28.18 1.99 -12.56
CA ILE B 34 -28.66 0.76 -11.95
C ILE B 34 -28.44 -0.41 -12.87
N ALA B 35 -27.86 -1.47 -12.32
CA ALA B 35 -27.65 -2.70 -13.07
C ALA B 35 -29.00 -3.34 -13.46
N MET B 36 -28.97 -4.11 -14.54
CA MET B 36 -30.09 -4.94 -14.91
C MET B 36 -29.57 -6.32 -15.30
N GLY B 37 -30.49 -7.28 -15.38
CA GLY B 37 -30.11 -8.64 -15.70
C GLY B 37 -31.27 -9.49 -16.16
N TRP B 38 -30.95 -10.65 -16.75
CA TRP B 38 -31.96 -11.61 -17.09
C TRP B 38 -31.68 -12.90 -16.35
N TYR B 39 -32.76 -13.48 -15.83
CA TYR B 39 -32.75 -14.76 -15.17
C TYR B 39 -33.66 -15.70 -15.92
N ARG B 40 -33.52 -16.99 -15.62
CA ARG B 40 -34.43 -18.00 -16.14
C ARG B 40 -34.65 -19.07 -15.07
N GLN B 41 -35.79 -19.76 -15.17
CA GLN B 41 -36.14 -20.81 -14.24
C GLN B 41 -36.87 -21.92 -14.97
N ALA B 42 -36.25 -23.08 -15.05
CA ALA B 42 -36.87 -24.27 -15.63
C ALA B 42 -37.73 -24.92 -14.56
N PRO B 43 -38.67 -25.80 -14.94
CA PRO B 43 -39.55 -26.32 -13.87
C PRO B 43 -38.79 -27.15 -12.84
N GLY B 44 -39.14 -27.01 -11.57
CA GLY B 44 -38.50 -27.74 -10.49
C GLY B 44 -37.10 -27.28 -10.12
N LYS B 45 -36.56 -26.31 -10.89
CA LYS B 45 -35.17 -25.90 -10.74
C LYS B 45 -35.05 -24.48 -10.17
N ARG B 46 -33.87 -24.14 -9.67
CA ARG B 46 -33.67 -22.83 -9.05
C ARG B 46 -33.52 -21.75 -10.10
N ARG B 47 -34.12 -20.59 -9.85
CA ARG B 47 -33.93 -19.43 -10.72
C ARG B 47 -32.45 -19.08 -10.78
N GLU B 48 -31.96 -18.81 -11.99
CA GLU B 48 -30.53 -18.59 -12.18
C GLU B 48 -30.29 -17.39 -13.07
N MET B 49 -29.29 -16.61 -12.68
CA MET B 49 -28.84 -15.49 -13.48
C MET B 49 -28.37 -16.00 -14.82
N VAL B 50 -28.77 -15.30 -15.88
CA VAL B 50 -28.32 -15.64 -17.22
C VAL B 50 -27.38 -14.58 -17.78
N ALA B 51 -27.74 -13.31 -17.62
CA ALA B 51 -26.85 -12.24 -18.05
C ALA B 51 -27.09 -11.01 -17.21
N ASP B 52 -26.04 -10.24 -16.96
CA ASP B 52 -26.11 -8.96 -16.25
C ASP B 52 -25.54 -7.84 -17.10
N ILE B 53 -26.10 -6.66 -16.99
CA ILE B 53 -25.52 -5.52 -17.68
C ILE B 53 -25.58 -4.28 -16.81
N PHE B 54 -24.41 -3.68 -16.60
CA PHE B 54 -24.32 -2.51 -15.74
C PHE B 54 -24.51 -1.23 -16.53
N SER B 55 -24.74 -0.12 -15.83
CA SER B 55 -25.21 1.12 -16.46
C SER B 55 -24.27 1.62 -17.56
N GLY B 56 -22.98 1.38 -17.37
CA GLY B 56 -21.98 1.81 -18.34
C GLY B 56 -21.75 0.83 -19.46
N GLY B 57 -22.58 -0.21 -19.54
CA GLY B 57 -22.51 -1.15 -20.64
C GLY B 57 -21.76 -2.45 -20.40
N SER B 58 -21.02 -2.57 -19.29
CA SER B 58 -20.24 -3.78 -19.05
C SER B 58 -21.17 -4.94 -18.71
N THR B 59 -20.80 -6.15 -19.14
CA THR B 59 -21.70 -7.28 -18.99
C THR B 59 -21.09 -8.47 -18.26
N ASP B 60 -21.95 -9.39 -17.89
CA ASP B 60 -21.57 -10.67 -17.28
C ASP B 60 -22.51 -11.74 -17.82
N TYR B 61 -22.01 -12.97 -17.97
CA TYR B 61 -22.84 -14.09 -18.41
C TYR B 61 -22.64 -15.35 -17.58
N ALA B 62 -23.68 -16.14 -17.45
CA ALA B 62 -23.52 -17.52 -17.02
C ALA B 62 -22.65 -18.22 -18.05
N GLY B 63 -21.69 -19.01 -17.57
CA GLY B 63 -20.72 -19.65 -18.45
C GLY B 63 -21.34 -20.39 -19.63
N SER B 64 -22.51 -20.98 -19.42
CA SER B 64 -23.03 -21.91 -20.40
C SER B 64 -23.86 -21.20 -21.46
N VAL B 65 -23.99 -19.88 -21.36
CA VAL B 65 -24.66 -19.10 -22.40
C VAL B 65 -23.71 -18.08 -23.04
N LYS B 66 -22.51 -17.95 -22.48
CA LYS B 66 -21.52 -17.02 -23.02
C LYS B 66 -21.22 -17.38 -24.47
N GLY B 67 -21.22 -16.39 -25.35
CA GLY B 67 -20.98 -16.64 -26.76
C GLY B 67 -22.24 -16.90 -27.58
N ARG B 68 -23.33 -17.24 -26.90
CA ARG B 68 -24.60 -17.50 -27.56
C ARG B 68 -25.61 -16.40 -27.27
N PHE B 69 -25.58 -15.88 -26.05
CA PHE B 69 -26.52 -14.85 -25.60
C PHE B 69 -25.81 -13.50 -25.54
N THR B 70 -26.56 -12.43 -25.77
CA THR B 70 -26.04 -11.07 -25.64
C THR B 70 -27.06 -10.22 -24.93
N ILE B 71 -26.64 -9.57 -23.86
CA ILE B 71 -27.53 -8.71 -23.11
C ILE B 71 -27.26 -7.27 -23.49
N SER B 72 -28.29 -6.45 -23.50
CA SER B 72 -28.14 -5.07 -23.92
C SER B 72 -29.12 -4.21 -23.14
N ARG B 73 -28.93 -2.90 -23.22
CA ARG B 73 -29.79 -1.94 -22.52
C ARG B 73 -29.79 -0.58 -23.19
N ASP B 74 -30.84 0.19 -22.94
CA ASP B 74 -30.95 1.56 -23.44
C ASP B 74 -31.46 2.44 -22.30
N ASN B 75 -30.57 3.26 -21.73
CA ASN B 75 -30.91 4.08 -20.58
C ASN B 75 -31.95 5.16 -20.89
N ALA B 76 -31.84 5.82 -22.03
CA ALA B 76 -32.82 6.82 -22.44
C ALA B 76 -34.20 6.18 -22.64
N LYS B 77 -34.22 4.96 -23.14
CA LYS B 77 -35.45 4.24 -23.41
C LYS B 77 -35.92 3.37 -22.23
N LYS B 78 -35.06 3.23 -21.21
CA LYS B 78 -35.39 2.41 -20.04
C LYS B 78 -35.75 0.99 -20.45
N THR B 79 -34.89 0.41 -21.26
CA THR B 79 -35.14 -0.87 -21.86
C THR B 79 -33.92 -1.77 -21.73
N SER B 80 -34.17 -3.05 -21.57
CA SER B 80 -33.13 -4.04 -21.73
C SER B 80 -33.59 -5.09 -22.70
N TYR B 81 -32.66 -5.75 -23.36
CA TYR B 81 -33.06 -6.89 -24.15
C TYR B 81 -32.04 -8.01 -24.00
N LEU B 82 -32.51 -9.23 -24.22
CA LEU B 82 -31.63 -10.37 -24.21
C LEU B 82 -31.72 -11.07 -25.56
N GLN B 83 -30.62 -11.03 -26.31
CA GLN B 83 -30.56 -11.72 -27.59
C GLN B 83 -30.11 -13.15 -27.33
N MET B 84 -30.86 -14.11 -27.86
CA MET B 84 -30.55 -15.52 -27.65
C MET B 84 -30.26 -16.23 -28.98
N ASN B 85 -28.99 -16.58 -29.22
CA ASN B 85 -28.60 -17.32 -30.43
C ASN B 85 -28.26 -18.77 -30.12
N ASN B 86 -28.41 -19.62 -31.13
CA ASN B 86 -28.05 -21.04 -31.05
C ASN B 86 -28.65 -21.68 -29.79
N VAL B 87 -29.96 -21.54 -29.64
CA VAL B 87 -30.63 -22.04 -28.46
C VAL B 87 -30.65 -23.57 -28.41
N LYS B 88 -30.55 -24.09 -27.19
CA LYS B 88 -30.42 -25.51 -26.91
C LYS B 88 -31.58 -25.93 -26.01
N PRO B 89 -31.82 -27.25 -25.88
CA PRO B 89 -32.92 -27.63 -24.98
C PRO B 89 -32.69 -27.17 -23.54
N GLU B 90 -31.44 -27.03 -23.12
CA GLU B 90 -31.18 -26.55 -21.76
C GLU B 90 -31.66 -25.12 -21.53
N ASP B 91 -31.96 -24.39 -22.60
CA ASP B 91 -32.38 -22.98 -22.49
C ASP B 91 -33.89 -22.81 -22.23
N THR B 92 -34.63 -23.90 -22.37
CA THR B 92 -36.08 -23.88 -22.13
C THR B 92 -36.39 -23.49 -20.69
N GLY B 93 -37.34 -22.59 -20.52
CA GLY B 93 -37.72 -22.16 -19.18
C GLY B 93 -38.40 -20.81 -19.17
N VAL B 94 -38.69 -20.31 -17.98
CA VAL B 94 -39.32 -19.00 -17.79
C VAL B 94 -38.27 -17.94 -17.51
N TYR B 95 -38.18 -16.95 -18.39
CA TYR B 95 -37.18 -15.89 -18.30
C TYR B 95 -37.73 -14.63 -17.64
N TYR B 96 -36.92 -14.05 -16.76
CA TYR B 96 -37.27 -12.83 -16.06
C TYR B 96 -36.20 -11.77 -16.23
N CYS B 97 -36.64 -10.54 -16.50
CA CYS B 97 -35.76 -9.39 -16.44
C CYS B 97 -35.78 -8.82 -15.02
N ARG B 98 -34.65 -8.28 -14.59
CA ARG B 98 -34.52 -7.73 -13.25
C ARG B 98 -33.85 -6.37 -13.26
N LEU B 99 -34.35 -5.48 -12.40
CA LEU B 99 -33.69 -4.21 -12.17
C LEU B 99 -33.07 -4.28 -10.77
N TYR B 100 -31.75 -4.11 -10.68
CA TYR B 100 -31.06 -4.28 -9.40
C TYR B 100 -31.11 -3.00 -8.56
N GLY B 101 -32.31 -2.53 -8.26
CA GLY B 101 -32.47 -1.30 -7.48
C GLY B 101 -32.73 -1.58 -6.02
N SER B 102 -33.22 -0.57 -5.29
CA SER B 102 -33.61 -0.78 -3.91
C SER B 102 -35.07 -1.17 -3.85
N GLY B 103 -35.35 -2.40 -4.27
CA GLY B 103 -36.66 -2.99 -4.24
C GLY B 103 -36.55 -4.35 -4.90
N ASP B 104 -37.64 -5.11 -4.92
CA ASP B 104 -37.67 -6.34 -5.72
C ASP B 104 -38.35 -6.03 -7.04
N TYR B 105 -37.54 -5.88 -8.07
CA TYR B 105 -38.02 -5.38 -9.36
C TYR B 105 -37.81 -6.44 -10.42
N TRP B 106 -38.88 -7.19 -10.70
CA TRP B 106 -38.87 -8.25 -11.70
C TRP B 106 -39.95 -8.07 -12.76
N GLY B 107 -39.70 -8.58 -13.96
CA GLY B 107 -40.74 -8.67 -14.97
C GLY B 107 -41.65 -9.86 -14.69
N GLN B 108 -42.72 -9.99 -15.47
CA GLN B 108 -43.74 -11.01 -15.19
C GLN B 108 -43.22 -12.43 -15.41
N GLY B 109 -42.25 -12.56 -16.30
CA GLY B 109 -41.78 -13.88 -16.68
C GLY B 109 -42.38 -14.29 -18.01
N THR B 110 -41.53 -14.69 -18.94
CA THR B 110 -42.02 -15.09 -20.25
C THR B 110 -41.40 -16.42 -20.62
N GLN B 111 -42.28 -17.37 -20.92
CA GLN B 111 -41.89 -18.69 -21.36
C GLN B 111 -41.08 -18.64 -22.65
N VAL B 112 -39.96 -19.36 -22.64
CA VAL B 112 -39.21 -19.65 -23.85
C VAL B 112 -39.10 -21.18 -23.95
N THR B 113 -39.62 -21.72 -25.06
CA THR B 113 -39.65 -23.17 -25.24
C THR B 113 -38.86 -23.58 -26.48
N VAL B 114 -37.75 -24.28 -26.28
CA VAL B 114 -36.92 -24.76 -27.37
C VAL B 114 -37.42 -26.15 -27.83
N SER B 115 -37.71 -26.27 -29.13
CA SER B 115 -38.24 -27.51 -29.66
C SER B 115 -37.38 -28.04 -30.79
N SER B 116 -37.28 -29.36 -30.87
CA SER B 116 -36.49 -29.97 -31.92
C SER B 116 -37.28 -30.01 -33.24
N GLN C 3 10.70 -3.11 35.26
CA GLN C 3 10.98 -4.01 34.14
C GLN C 3 12.06 -5.02 34.54
N VAL C 4 12.47 -5.85 33.59
CA VAL C 4 13.56 -6.79 33.82
C VAL C 4 14.84 -6.27 33.18
N GLN C 5 15.95 -6.36 33.91
CA GLN C 5 17.22 -5.83 33.42
C GLN C 5 18.23 -6.93 33.12
N LEU C 6 18.98 -6.73 32.05
CA LEU C 6 20.09 -7.62 31.71
C LEU C 6 21.37 -6.79 31.71
N VAL C 7 22.33 -7.18 32.54
CA VAL C 7 23.58 -6.45 32.68
C VAL C 7 24.76 -7.36 32.36
N GLU C 8 25.42 -7.05 31.25
CA GLU C 8 26.52 -7.87 30.75
C GLU C 8 27.89 -7.36 31.21
N SER C 9 28.84 -8.26 31.42
CA SER C 9 30.22 -7.91 31.72
C SER C 9 31.21 -8.84 31.00
N GLY C 10 32.48 -8.40 30.91
CA GLY C 10 33.53 -9.28 30.43
C GLY C 10 34.07 -8.91 29.05
N GLY C 11 33.35 -8.04 28.35
CA GLY C 11 33.78 -7.62 27.04
C GLY C 11 34.98 -6.70 27.12
N GLY C 12 35.89 -6.81 26.17
CA GLY C 12 37.03 -5.91 26.10
C GLY C 12 37.84 -6.09 24.85
N LEU C 13 39.07 -5.61 24.90
CA LEU C 13 40.00 -5.74 23.79
C LEU C 13 40.75 -7.05 23.94
N VAL C 14 40.66 -7.90 22.92
CA VAL C 14 41.30 -9.21 22.95
C VAL C 14 42.16 -9.39 21.70
N GLN C 15 43.19 -10.22 21.78
CA GLN C 15 44.03 -10.51 20.63
C GLN C 15 43.61 -11.81 19.98
N PRO C 16 43.79 -11.91 18.65
CA PRO C 16 43.47 -13.16 17.94
C PRO C 16 44.10 -14.36 18.64
N GLY C 17 43.31 -15.40 18.88
CA GLY C 17 43.77 -16.54 19.68
C GLY C 17 43.45 -16.37 21.15
N GLY C 18 43.22 -15.12 21.56
CA GLY C 18 42.92 -14.79 22.94
C GLY C 18 41.63 -15.38 23.49
N SER C 19 41.39 -15.07 24.76
CA SER C 19 40.30 -15.66 25.53
C SER C 19 39.47 -14.59 26.24
N LEU C 20 38.19 -14.89 26.43
CA LEU C 20 37.26 -13.99 27.10
C LEU C 20 36.20 -14.78 27.86
N ARG C 21 35.78 -14.27 29.01
CA ARG C 21 34.64 -14.86 29.71
C ARG C 21 33.57 -13.80 29.91
N LEU C 22 32.44 -13.95 29.22
CA LEU C 22 31.32 -13.05 29.42
C LEU C 22 30.33 -13.59 30.45
N SER C 23 29.72 -12.67 31.20
CA SER C 23 28.70 -13.02 32.15
C SER C 23 27.56 -12.00 32.08
N CYS C 24 26.36 -12.41 32.43
CA CYS C 24 25.23 -11.50 32.45
C CYS C 24 24.33 -11.83 33.61
N VAL C 25 24.00 -10.82 34.41
CA VAL C 25 23.10 -11.04 35.52
C VAL C 25 21.74 -10.42 35.21
N VAL C 26 20.69 -11.11 35.65
CA VAL C 26 19.32 -10.73 35.32
C VAL C 26 18.49 -10.45 36.57
N SER C 27 17.83 -9.29 36.60
CA SER C 27 16.95 -8.93 37.72
C SER C 27 15.64 -9.71 37.66
N GLY C 28 14.78 -9.50 38.65
CA GLY C 28 13.50 -10.19 38.70
C GLY C 28 13.65 -11.62 39.19
N SER C 29 12.58 -12.38 39.11
CA SER C 29 12.56 -13.73 39.67
C SER C 29 12.30 -14.81 38.63
N ASP C 30 12.23 -14.43 37.36
CA ASP C 30 11.81 -15.35 36.31
C ASP C 30 12.94 -16.06 35.60
N PHE C 31 14.17 -15.94 36.12
CA PHE C 31 15.35 -16.35 35.36
C PHE C 31 15.29 -17.81 34.92
N ASN C 32 14.89 -18.70 35.84
CA ASN C 32 14.79 -20.13 35.56
C ASN C 32 13.81 -20.46 34.43
N THR C 33 12.94 -19.52 34.11
CA THR C 33 11.96 -19.64 33.02
C THR C 33 12.57 -19.34 31.65
N TYR C 34 13.58 -18.48 31.64
CA TYR C 34 14.11 -17.94 30.39
C TYR C 34 14.96 -18.90 29.56
N ILE C 35 14.91 -18.71 28.25
CA ILE C 35 15.85 -19.31 27.33
C ILE C 35 16.94 -18.27 27.13
N MET C 36 18.08 -18.48 27.77
CA MET C 36 19.11 -17.44 27.79
C MET C 36 20.03 -17.59 26.60
N GLY C 37 20.40 -16.47 26.01
CA GLY C 37 21.19 -16.49 24.80
C GLY C 37 22.18 -15.35 24.71
N TRP C 38 23.26 -15.60 23.97
CA TRP C 38 24.23 -14.57 23.65
C TRP C 38 24.21 -14.28 22.16
N TYR C 39 24.04 -13.01 21.83
CA TYR C 39 23.99 -12.57 20.44
C TYR C 39 25.09 -11.55 20.18
N ARG C 40 25.68 -11.64 19.00
CA ARG C 40 26.69 -10.69 18.57
C ARG C 40 26.07 -9.69 17.59
N GLN C 41 26.40 -8.41 17.75
CA GLN C 41 25.90 -7.39 16.84
C GLN C 41 26.95 -6.34 16.50
N VAL C 42 27.14 -6.14 15.20
CA VAL C 42 28.02 -5.10 14.66
C VAL C 42 27.15 -3.98 14.09
N PRO C 43 27.60 -2.72 14.19
CA PRO C 43 26.89 -1.58 13.59
C PRO C 43 26.36 -1.84 12.17
N GLY C 44 25.12 -1.44 11.92
CA GLY C 44 24.53 -1.58 10.61
C GLY C 44 24.15 -3.01 10.27
N LYS C 45 24.15 -3.88 11.27
CA LYS C 45 23.88 -5.30 11.09
C LYS C 45 22.99 -5.83 12.19
N PRO C 46 22.17 -6.85 11.88
CA PRO C 46 21.28 -7.47 12.86
C PRO C 46 22.03 -8.28 13.92
N ARG C 47 21.37 -8.49 15.05
CA ARG C 47 21.89 -9.42 16.04
C ARG C 47 22.05 -10.81 15.44
N GLU C 48 23.10 -11.53 15.82
CA GLU C 48 23.22 -12.89 15.33
C GLU C 48 23.56 -13.85 16.48
N LEU C 49 22.83 -14.96 16.52
CA LEU C 49 22.95 -15.89 17.64
C LEU C 49 24.35 -16.51 17.74
N VAL C 50 24.91 -16.45 18.94
CA VAL C 50 26.20 -17.07 19.19
C VAL C 50 25.98 -18.37 19.91
N ALA C 51 25.19 -18.31 20.97
CA ALA C 51 24.90 -19.47 21.78
C ALA C 51 23.65 -19.21 22.60
N ASP C 52 22.85 -20.23 22.83
CA ASP C 52 21.79 -20.07 23.80
C ASP C 52 21.63 -21.35 24.60
N ILE C 53 20.80 -21.30 25.64
CA ILE C 53 20.69 -22.42 26.54
C ILE C 53 19.28 -22.47 27.12
N THR C 54 18.68 -23.66 27.08
CA THR C 54 17.29 -23.85 27.45
C THR C 54 17.10 -23.88 28.95
N THR C 55 15.84 -24.01 29.37
CA THR C 55 15.51 -24.02 30.79
C THR C 55 16.14 -25.22 31.45
N GLU C 56 16.28 -26.31 30.70
CA GLU C 56 16.85 -27.54 31.24
C GLU C 56 18.37 -27.56 31.13
N GLY C 57 18.94 -26.61 30.38
CA GLY C 57 20.38 -26.53 30.23
C GLY C 57 20.92 -27.07 28.92
N LYS C 58 20.05 -27.30 27.93
CA LYS C 58 20.50 -27.78 26.63
C LYS C 58 21.05 -26.62 25.80
N THR C 59 22.14 -26.87 25.08
CA THR C 59 22.87 -25.80 24.41
C THR C 59 22.84 -25.89 22.89
N ASN C 60 22.97 -24.73 22.26
CA ASN C 60 22.97 -24.59 20.81
C ASN C 60 23.94 -23.48 20.44
N TYR C 61 24.73 -23.70 19.40
CA TYR C 61 25.81 -22.77 19.06
C TYR C 61 25.66 -22.30 17.62
N GLY C 62 26.03 -21.06 17.35
CA GLY C 62 26.04 -20.56 15.99
C GLY C 62 27.08 -21.32 15.16
N GLY C 63 26.92 -21.30 13.84
CA GLY C 63 27.74 -22.11 12.96
C GLY C 63 29.23 -21.88 13.03
N SER C 64 29.63 -20.68 13.44
CA SER C 64 31.03 -20.30 13.45
C SER C 64 31.74 -20.59 14.79
N VAL C 65 30.97 -20.95 15.80
CA VAL C 65 31.55 -21.26 17.10
C VAL C 65 32.48 -22.46 16.98
N LYS C 66 31.97 -23.56 16.44
CA LYS C 66 32.75 -24.77 16.16
C LYS C 66 33.53 -25.26 17.39
N GLY C 67 32.87 -25.31 18.53
CA GLY C 67 33.46 -25.89 19.73
C GLY C 67 34.32 -24.95 20.55
N ARG C 68 34.43 -23.70 20.10
CA ARG C 68 35.36 -22.75 20.72
C ARG C 68 34.77 -22.11 21.98
N PHE C 69 33.45 -21.97 22.03
CA PHE C 69 32.81 -21.33 23.17
C PHE C 69 31.98 -22.33 23.97
N THR C 70 31.76 -22.01 25.22
CA THR C 70 30.85 -22.77 26.06
C THR C 70 29.90 -21.81 26.78
N ILE C 71 28.61 -22.02 26.58
CA ILE C 71 27.61 -21.30 27.33
C ILE C 71 27.14 -22.15 28.52
N SER C 72 26.86 -21.49 29.63
CA SER C 72 26.38 -22.18 30.81
C SER C 72 25.51 -21.22 31.60
N ARG C 73 24.70 -21.76 32.50
CA ARG C 73 23.86 -20.93 33.34
C ARG C 73 23.95 -21.38 34.79
N ASP C 74 23.79 -20.42 35.70
CA ASP C 74 23.69 -20.69 37.11
C ASP C 74 22.38 -20.06 37.58
N ASN C 75 21.36 -20.87 37.78
CA ASN C 75 20.04 -20.36 38.12
C ASN C 75 20.04 -19.67 39.48
N ALA C 76 20.89 -20.16 40.38
CA ALA C 76 20.95 -19.64 41.75
C ALA C 76 21.49 -18.21 41.76
N LYS C 77 22.32 -17.89 40.77
CA LYS C 77 22.89 -16.55 40.66
C LYS C 77 22.20 -15.73 39.57
N ASN C 78 21.14 -16.28 38.98
CA ASN C 78 20.43 -15.60 37.89
C ASN C 78 21.40 -15.06 36.85
N THR C 79 22.34 -15.92 36.45
CA THR C 79 23.46 -15.48 35.64
C THR C 79 23.73 -16.49 34.56
N VAL C 80 24.04 -16.00 33.37
CA VAL C 80 24.43 -16.86 32.27
C VAL C 80 25.85 -16.49 31.87
N TYR C 81 26.63 -17.47 31.43
CA TYR C 81 28.03 -17.26 31.09
C TYR C 81 28.36 -17.66 29.66
N LEU C 82 29.37 -17.02 29.07
CA LEU C 82 29.94 -17.49 27.82
C LEU C 82 31.47 -17.49 27.86
N GLN C 83 32.03 -18.67 28.03
CA GLN C 83 33.46 -18.87 28.00
C GLN C 83 33.89 -18.91 26.53
N MET C 84 34.82 -18.03 26.15
CA MET C 84 35.26 -17.95 24.76
C MET C 84 36.76 -18.16 24.67
N PHE C 85 37.16 -19.05 23.77
CA PHE C 85 38.57 -19.32 23.49
C PHE C 85 38.84 -19.19 22.00
N GLY C 86 40.10 -18.96 21.67
CA GLY C 86 40.51 -18.85 20.27
C GLY C 86 39.75 -17.78 19.52
N LEU C 87 39.80 -16.55 20.01
CA LEU C 87 39.01 -15.49 19.40
C LEU C 87 39.57 -15.08 18.03
N LYS C 88 38.66 -14.75 17.12
CA LYS C 88 39.04 -14.44 15.74
C LYS C 88 38.46 -13.07 15.39
N PRO C 89 39.08 -12.37 14.43
CA PRO C 89 38.55 -11.06 14.01
C PRO C 89 37.03 -11.07 13.74
N GLU C 90 36.50 -12.15 13.19
CA GLU C 90 35.06 -12.20 12.89
C GLU C 90 34.18 -12.36 14.16
N ASP C 91 34.80 -12.58 15.33
CA ASP C 91 34.04 -12.67 16.57
C ASP C 91 33.79 -11.29 17.16
N ALA C 92 34.46 -10.28 16.61
CA ALA C 92 34.35 -8.92 17.12
C ALA C 92 32.92 -8.43 17.09
N GLY C 93 32.53 -7.69 18.11
CA GLY C 93 31.22 -7.06 18.12
C GLY C 93 30.62 -6.87 19.49
N ASN C 94 29.44 -6.24 19.52
CA ASN C 94 28.71 -6.03 20.74
C ASN C 94 28.04 -7.34 21.11
N TYR C 95 28.37 -7.88 22.27
CA TYR C 95 27.83 -9.15 22.71
C TYR C 95 26.65 -8.92 23.65
N VAL C 96 25.46 -9.21 23.16
CA VAL C 96 24.21 -8.84 23.83
C VAL C 96 23.48 -10.05 24.38
N CYS C 97 23.26 -10.06 25.69
CA CYS C 97 22.52 -11.14 26.30
C CYS C 97 21.02 -10.98 26.09
N ASN C 98 20.32 -12.10 26.02
CA ASN C 98 18.91 -12.14 25.63
C ASN C 98 18.14 -13.12 26.52
N ALA C 99 17.04 -12.65 27.07
CA ALA C 99 16.17 -13.54 27.85
C ALA C 99 14.88 -13.76 27.08
N ASP C 100 14.60 -15.02 26.73
CA ASP C 100 13.48 -15.36 25.86
C ASP C 100 12.67 -16.44 26.55
N TRP C 101 11.46 -16.70 26.08
CA TRP C 101 10.64 -17.78 26.65
C TRP C 101 9.53 -18.19 25.70
N LYS C 102 8.99 -19.35 25.95
CA LYS C 102 7.94 -19.88 25.15
C LYS C 102 6.63 -19.19 25.35
N MET C 103 5.88 -18.99 24.26
CA MET C 103 4.56 -18.40 24.33
C MET C 103 3.59 -19.20 23.48
N GLY C 104 3.59 -20.52 23.69
CA GLY C 104 2.76 -21.42 22.90
C GLY C 104 3.50 -21.91 21.67
N ALA C 105 2.97 -21.60 20.50
CA ALA C 105 3.62 -21.95 19.27
C ALA C 105 4.82 -21.11 19.04
N TRP C 106 4.85 -19.94 19.64
CA TRP C 106 5.89 -18.96 19.35
C TRP C 106 6.76 -18.78 20.57
N THR C 107 7.82 -17.99 20.41
CA THR C 107 8.54 -17.47 21.55
C THR C 107 8.24 -15.99 21.70
N ALA C 108 8.46 -15.47 22.90
CA ALA C 108 8.37 -14.04 23.12
C ALA C 108 9.23 -13.28 22.13
N GLY C 109 10.39 -13.83 21.77
CA GLY C 109 11.28 -13.21 20.80
C GLY C 109 10.62 -13.02 19.44
N ASP C 110 9.77 -13.96 19.05
CA ASP C 110 9.13 -13.91 17.74
C ASP C 110 8.10 -12.80 17.70
N TYR C 111 7.57 -12.46 18.87
CA TYR C 111 6.54 -11.43 18.93
C TYR C 111 6.96 -9.96 18.70
N GLY C 112 8.07 -9.41 19.19
CA GLY C 112 8.99 -9.96 20.13
C GLY C 112 9.14 -9.01 21.32
N ILE C 113 8.79 -9.54 22.47
CA ILE C 113 8.70 -8.74 23.67
C ILE C 113 9.68 -9.33 24.66
N ASP C 114 10.72 -9.96 24.14
CA ASP C 114 11.74 -10.58 24.98
C ASP C 114 12.75 -9.52 25.40
N TYR C 115 13.66 -9.86 26.30
CA TYR C 115 14.54 -8.86 26.89
C TYR C 115 15.95 -8.95 26.32
N TRP C 116 16.54 -7.78 26.14
CA TRP C 116 17.88 -7.63 25.59
C TRP C 116 18.68 -6.63 26.43
N GLY C 117 19.94 -6.96 26.69
CA GLY C 117 20.81 -6.05 27.41
C GLY C 117 21.39 -5.04 26.45
N LYS C 118 22.19 -4.12 26.98
CA LYS C 118 22.83 -3.13 26.15
C LYS C 118 24.08 -3.72 25.49
N GLY C 119 24.60 -4.78 26.09
CA GLY C 119 25.70 -5.54 25.55
C GLY C 119 27.05 -5.12 26.08
N THR C 120 28.01 -6.04 25.99
CA THR C 120 29.39 -5.75 26.35
C THR C 120 30.22 -5.85 25.08
N LEU C 121 31.00 -4.82 24.80
CA LEU C 121 31.74 -4.76 23.56
C LEU C 121 32.89 -5.77 23.55
N VAL C 122 33.10 -6.41 22.41
CA VAL C 122 34.28 -7.23 22.20
C VAL C 122 35.02 -6.69 20.98
N THR C 123 36.26 -6.27 21.19
CA THR C 123 37.09 -5.74 20.10
C THR C 123 38.30 -6.63 19.90
N VAL C 124 38.59 -7.00 18.65
CA VAL C 124 39.72 -7.87 18.38
C VAL C 124 40.87 -7.08 17.75
N SER C 125 42.00 -7.04 18.46
CA SER C 125 43.20 -6.28 18.07
C SER C 125 43.63 -6.52 16.63
N GLN D 8 43.86 9.62 16.78
CA GLN D 8 42.49 9.77 17.25
C GLN D 8 42.22 11.08 17.98
N LEU D 9 41.09 11.11 18.67
CA LEU D 9 40.59 12.35 19.27
C LEU D 9 40.19 12.05 20.72
N VAL D 10 40.57 12.93 21.64
CA VAL D 10 40.24 12.72 23.03
C VAL D 10 39.20 13.74 23.44
N GLU D 11 38.19 13.26 24.17
CA GLU D 11 37.08 14.10 24.58
C GLU D 11 36.86 14.04 26.09
N SER D 12 36.43 15.16 26.66
CA SER D 12 36.21 15.24 28.09
C SER D 12 35.09 16.21 28.41
N GLY D 13 34.78 16.36 29.70
CA GLY D 13 33.76 17.29 30.14
C GLY D 13 32.43 16.66 30.50
N GLY D 14 32.21 15.41 30.11
CA GLY D 14 30.94 14.77 30.40
C GLY D 14 30.63 14.68 31.89
N GLY D 15 29.43 14.22 32.22
CA GLY D 15 29.07 14.04 33.61
C GLY D 15 27.57 14.01 33.80
N LEU D 16 27.16 14.11 35.06
CA LEU D 16 25.77 14.06 35.46
C LEU D 16 25.33 15.44 35.91
N VAL D 17 24.17 15.89 35.45
CA VAL D 17 23.69 17.21 35.86
C VAL D 17 22.15 17.23 35.94
N HIS D 18 21.62 18.16 36.71
CA HIS D 18 20.18 18.31 36.76
C HIS D 18 19.68 18.95 35.49
N PRO D 19 18.41 18.67 35.14
CA PRO D 19 17.76 19.44 34.07
C PRO D 19 17.92 20.94 34.35
N GLY D 20 18.19 21.75 33.32
CA GLY D 20 18.40 23.16 33.53
C GLY D 20 19.86 23.48 33.82
N GLY D 21 20.64 22.45 34.14
CA GLY D 21 22.07 22.60 34.42
C GLY D 21 22.95 22.74 33.19
N SER D 22 24.25 22.85 33.41
CA SER D 22 25.23 23.10 32.35
C SER D 22 26.39 22.11 32.38
N LEU D 23 26.96 21.83 31.20
CA LEU D 23 28.21 21.06 31.05
C LEU D 23 29.00 21.68 29.90
N ARG D 24 30.31 21.50 29.88
CA ARG D 24 31.10 21.94 28.73
C ARG D 24 31.97 20.79 28.23
N LEU D 25 31.68 20.30 27.03
CA LEU D 25 32.45 19.20 26.46
C LEU D 25 33.63 19.77 25.73
N SER D 26 34.68 18.97 25.63
CA SER D 26 35.92 19.45 25.05
C SER D 26 36.59 18.32 24.31
N CYS D 27 37.09 18.62 23.13
CA CYS D 27 37.69 17.66 22.22
C CYS D 27 39.06 18.16 21.75
N ALA D 28 40.09 17.35 21.86
CA ALA D 28 41.39 17.74 21.32
C ALA D 28 41.98 16.52 20.64
N PRO D 29 42.88 16.72 19.68
CA PRO D 29 43.60 15.61 19.07
C PRO D 29 44.65 15.03 20.01
N SER D 30 44.93 13.74 19.87
CA SER D 30 46.01 13.11 20.60
C SER D 30 47.27 13.11 19.76
N ALA D 31 48.34 12.57 20.32
CA ALA D 31 49.62 12.53 19.62
C ALA D 31 49.59 11.57 18.43
N SER D 32 48.67 10.62 18.43
CA SER D 32 48.62 9.63 17.36
C SER D 32 47.74 10.10 16.20
N LEU D 33 47.16 11.29 16.32
CA LEU D 33 46.48 11.90 15.17
C LEU D 33 47.58 12.37 14.24
N PRO D 34 47.54 11.95 12.98
CA PRO D 34 48.58 12.34 12.02
C PRO D 34 48.74 13.85 11.95
N SER D 35 49.94 14.30 11.60
CA SER D 35 50.18 15.74 11.53
C SER D 35 50.95 16.09 10.26
N THR D 36 51.36 15.08 9.51
CA THR D 36 51.99 15.30 8.22
C THR D 36 51.36 14.37 7.18
N PRO D 37 51.12 14.87 5.96
CA PRO D 37 51.37 16.23 5.49
C PRO D 37 50.33 17.27 5.91
N PHE D 38 49.25 16.84 6.57
CA PHE D 38 48.20 17.77 7.00
C PHE D 38 47.91 17.60 8.48
N ASN D 39 47.32 18.63 9.08
CA ASN D 39 46.68 18.47 10.39
C ASN D 39 45.17 18.32 10.18
N PRO D 40 44.66 17.08 10.26
CA PRO D 40 43.24 16.82 10.02
C PRO D 40 42.32 17.68 10.89
N PHE D 41 42.79 18.07 12.07
CA PHE D 41 41.95 18.76 13.05
C PHE D 41 41.61 20.20 12.68
N ASN D 42 42.38 20.79 11.76
CA ASN D 42 42.12 22.14 11.30
C ASN D 42 40.84 22.22 10.44
N ASN D 43 40.40 21.07 9.94
CA ASN D 43 39.17 20.99 9.15
C ASN D 43 37.88 21.05 10.01
N MET D 44 36.73 20.94 9.34
CA MET D 44 35.44 21.03 10.00
C MET D 44 35.24 19.91 11.01
N VAL D 45 34.88 20.29 12.23
CA VAL D 45 34.66 19.34 13.31
C VAL D 45 33.21 19.43 13.78
N GLY D 46 32.62 18.26 14.07
CA GLY D 46 31.28 18.21 14.60
C GLY D 46 31.20 17.42 15.89
N TRP D 47 30.23 17.78 16.73
CA TRP D 47 29.88 16.98 17.89
C TRP D 47 28.61 16.20 17.60
N TYR D 48 28.63 14.94 18.00
CA TYR D 48 27.51 14.04 17.80
C TYR D 48 27.03 13.47 19.12
N ARG D 49 25.81 12.92 19.13
CA ARG D 49 25.40 12.12 20.27
C ARG D 49 24.65 10.89 19.81
N GLN D 50 24.67 9.89 20.68
CA GLN D 50 23.95 8.65 20.45
C GLN D 50 23.52 8.07 21.79
N ALA D 51 22.22 7.84 21.91
CA ALA D 51 21.67 7.14 23.05
C ALA D 51 21.60 5.64 22.72
N PRO D 52 21.43 4.79 23.74
CA PRO D 52 21.32 3.35 23.46
C PRO D 52 20.06 2.97 22.67
N GLY D 53 20.23 2.16 21.64
CA GLY D 53 19.13 1.72 20.80
C GLY D 53 18.63 2.76 19.82
N LYS D 54 19.39 3.85 19.67
CA LYS D 54 18.97 4.92 18.78
C LYS D 54 20.11 5.30 17.85
N GLN D 55 19.78 5.90 16.72
CA GLN D 55 20.80 6.28 15.77
C GLN D 55 21.56 7.52 16.24
N ARG D 56 22.83 7.56 15.92
CA ARG D 56 23.68 8.71 16.19
C ARG D 56 23.17 9.92 15.43
N GLU D 57 23.31 11.12 16.01
CA GLU D 57 22.92 12.32 15.29
C GLU D 57 23.85 13.49 15.62
N MET D 58 24.01 14.38 14.65
CA MET D 58 24.86 15.55 14.82
C MET D 58 24.21 16.56 15.75
N VAL D 59 24.99 17.14 16.64
CA VAL D 59 24.49 18.15 17.56
C VAL D 59 24.93 19.53 17.10
N ALA D 60 26.18 19.64 16.70
CA ALA D 60 26.74 20.88 16.20
C ALA D 60 28.00 20.61 15.39
N SER D 61 28.28 21.50 14.45
CA SER D 61 29.52 21.45 13.67
C SER D 61 30.05 22.85 13.51
N ILE D 62 31.37 22.97 13.44
CA ILE D 62 32.02 24.26 13.28
C ILE D 62 33.06 24.18 12.17
N GLY D 63 32.83 24.94 11.11
CA GLY D 63 33.76 25.02 10.00
C GLY D 63 33.68 26.42 9.45
N LEU D 64 33.49 26.53 8.14
CA LEU D 64 33.13 27.81 7.54
C LEU D 64 31.88 28.34 8.22
N ARG D 65 30.94 27.43 8.47
CA ARG D 65 29.72 27.80 9.18
C ARG D 65 29.63 27.11 10.54
N ILE D 66 28.67 27.58 11.32
CA ILE D 66 28.34 26.93 12.57
C ILE D 66 26.91 26.47 12.47
N ASN D 67 26.71 25.16 12.51
CA ASN D 67 25.38 24.59 12.40
C ASN D 67 24.98 23.83 13.65
N TYR D 68 23.71 23.98 14.02
CA TYR D 68 23.18 23.29 15.20
C TYR D 68 21.99 22.41 14.83
N ALA D 69 21.90 21.26 15.49
CA ALA D 69 20.67 20.49 15.47
C ALA D 69 19.54 21.42 15.94
N ASP D 70 18.37 21.30 15.32
CA ASP D 70 17.27 22.20 15.67
C ASP D 70 16.87 22.03 17.14
N SER D 71 16.99 20.83 17.67
CA SER D 71 16.65 20.60 19.06
C SER D 71 17.55 21.45 19.98
N VAL D 72 18.82 21.53 19.63
CA VAL D 72 19.80 22.24 20.47
C VAL D 72 19.99 23.74 20.18
N LYS D 73 19.34 24.26 19.15
CA LYS D 73 19.56 25.67 18.79
C LYS D 73 19.10 26.61 19.91
N GLY D 74 20.01 27.47 20.36
CA GLY D 74 19.68 28.40 21.43
C GLY D 74 20.16 27.95 22.80
N ARG D 75 20.62 26.72 22.89
CA ARG D 75 21.02 26.12 24.18
C ARG D 75 22.49 25.69 24.17
N PHE D 76 22.93 25.16 23.05
CA PHE D 76 24.31 24.71 22.93
C PHE D 76 25.15 25.71 22.12
N THR D 77 26.42 25.81 22.50
CA THR D 77 27.35 26.63 21.76
C THR D 77 28.61 25.85 21.45
N ILE D 78 28.97 25.81 20.17
CA ILE D 78 30.21 25.19 19.79
C ILE D 78 31.21 26.29 19.46
N SER D 79 32.47 26.07 19.82
CA SER D 79 33.50 27.08 19.63
C SER D 79 34.87 26.45 19.49
N ARG D 80 35.81 27.20 18.95
CA ARG D 80 37.19 26.75 18.86
C ARG D 80 38.07 27.55 19.82
N ASP D 81 39.04 26.88 20.43
CA ASP D 81 40.08 27.56 21.18
C ASP D 81 41.42 27.20 20.55
N ASN D 82 42.03 28.14 19.86
CA ASN D 82 43.27 27.86 19.13
C ASN D 82 44.45 27.65 20.09
N ALA D 83 44.50 28.47 21.14
CA ALA D 83 45.58 28.36 22.12
C ALA D 83 45.61 26.98 22.74
N LYS D 84 44.46 26.45 23.12
CA LYS D 84 44.37 25.15 23.79
C LYS D 84 44.16 23.98 22.81
N ASN D 85 44.01 24.28 21.53
CA ASN D 85 43.86 23.25 20.50
C ASN D 85 42.63 22.36 20.67
N THR D 86 41.49 22.98 20.97
CA THR D 86 40.30 22.20 21.28
C THR D 86 39.08 22.63 20.49
N VAL D 87 38.09 21.74 20.41
CA VAL D 87 36.76 22.14 19.97
C VAL D 87 35.81 21.85 21.11
N ASP D 88 35.10 22.87 21.57
CA ASP D 88 34.29 22.75 22.76
C ASP D 88 32.81 22.89 22.44
N LEU D 89 31.99 22.25 23.26
CA LEU D 89 30.54 22.35 23.18
C LEU D 89 29.98 22.75 24.53
N GLN D 90 29.57 24.01 24.66
CA GLN D 90 28.95 24.48 25.88
C GLN D 90 27.48 24.10 25.83
N MET D 91 27.03 23.35 26.83
CA MET D 91 25.65 22.91 26.88
C MET D 91 24.90 23.48 28.07
N ASP D 92 24.03 24.46 27.80
CA ASP D 92 23.21 25.06 28.84
C ASP D 92 21.76 24.59 28.70
N SER D 93 20.93 24.83 29.72
CA SER D 93 19.51 24.43 29.71
C SER D 93 19.31 22.96 29.32
N LEU D 94 20.20 22.12 29.85
CA LEU D 94 20.13 20.69 29.59
C LEU D 94 18.78 20.09 30.00
N ARG D 95 18.31 19.14 29.20
CA ARG D 95 17.04 18.45 29.39
C ARG D 95 17.30 16.94 29.40
N PRO D 96 16.44 16.16 30.09
CA PRO D 96 16.60 14.69 30.14
C PRO D 96 16.87 14.06 28.76
N GLU D 97 16.15 14.48 27.74
CA GLU D 97 16.24 13.76 26.49
C GLU D 97 17.56 14.04 25.78
N ASP D 98 18.34 14.95 26.34
CA ASP D 98 19.68 15.23 25.82
C ASP D 98 20.62 14.10 26.20
N SER D 99 20.23 13.27 27.18
CA SER D 99 21.15 12.28 27.71
C SER D 99 21.65 11.44 26.56
N ALA D 100 22.95 11.21 26.53
CA ALA D 100 23.55 10.36 25.51
C ALA D 100 25.05 10.25 25.69
N THR D 101 25.67 9.33 24.97
CA THR D 101 27.12 9.44 24.80
C THR D 101 27.41 10.42 23.66
N TYR D 102 28.20 11.44 23.95
CA TYR D 102 28.54 12.45 22.96
C TYR D 102 29.90 12.17 22.36
N TYR D 103 30.00 12.30 21.03
CA TYR D 103 31.25 12.00 20.32
C TYR D 103 31.74 13.19 19.51
N CYS D 104 33.04 13.39 19.50
CA CYS D 104 33.66 14.38 18.61
C CYS D 104 34.05 13.72 17.29
N HIS D 105 34.07 14.50 16.21
CA HIS D 105 34.25 13.95 14.86
C HIS D 105 34.89 14.96 13.93
N ILE D 106 35.86 14.53 13.14
CA ILE D 106 36.29 15.38 12.02
C ILE D 106 35.37 15.06 10.85
N GLU D 107 34.65 16.08 10.39
CA GLU D 107 33.61 15.92 9.38
C GLU D 107 34.11 15.28 8.09
N TYR D 108 33.32 14.33 7.57
CA TYR D 108 33.62 13.63 6.31
C TYR D 108 34.86 12.75 6.39
N THR D 109 35.20 12.28 7.61
CA THR D 109 36.32 11.34 7.77
C THR D 109 35.96 10.12 8.63
N HIS D 110 36.95 9.27 8.90
CA HIS D 110 36.75 8.18 9.87
C HIS D 110 37.36 8.51 11.24
N TYR D 111 37.71 9.78 11.45
CA TYR D 111 38.23 10.16 12.77
C TYR D 111 37.08 10.42 13.74
N TRP D 112 37.04 9.64 14.82
CA TRP D 112 36.02 9.74 15.86
C TRP D 112 36.66 9.66 17.24
N GLY D 113 36.13 10.40 18.20
CA GLY D 113 36.49 10.17 19.59
C GLY D 113 35.72 8.95 20.09
N LYS D 114 36.17 8.35 21.20
CA LYS D 114 35.51 7.16 21.74
C LYS D 114 34.27 7.53 22.56
N GLY D 115 34.12 8.80 22.87
CA GLY D 115 32.87 9.28 23.45
C GLY D 115 32.99 9.71 24.90
N THR D 116 32.12 10.63 25.30
CA THR D 116 32.01 11.02 26.72
C THR D 116 30.53 11.00 27.12
N LEU D 117 30.26 10.40 28.27
CA LEU D 117 28.90 10.19 28.72
C LEU D 117 28.28 11.48 29.27
N VAL D 118 27.07 11.79 28.83
CA VAL D 118 26.31 12.92 29.37
C VAL D 118 24.96 12.44 29.90
N THR D 119 24.74 12.59 31.19
CA THR D 119 23.49 12.19 31.79
C THR D 119 22.81 13.39 32.41
N VAL D 120 21.51 13.51 32.19
CA VAL D 120 20.77 14.68 32.60
C VAL D 120 19.45 14.28 33.25
N SER D 121 19.48 14.10 34.57
CA SER D 121 18.31 13.67 35.31
C SER D 121 18.08 14.40 36.61
N SER D 122 16.83 14.39 37.06
CA SER D 122 16.42 14.92 38.31
C SER D 122 16.71 13.82 39.29
N GLU D 123 16.98 14.21 40.51
CA GLU D 123 17.15 13.26 41.55
C GLU D 123 15.73 12.76 41.87
N PRO D 124 15.59 11.46 42.08
CA PRO D 124 14.24 10.87 42.22
C PRO D 124 13.58 11.09 43.58
N LYS D 125 12.39 11.69 43.58
CA LYS D 125 11.59 11.78 44.80
C LYS D 125 10.55 10.72 44.82
#